data_2KO2
#
_entry.id   2KO2
#
_entity_poly.entity_id   1
_entity_poly.type   'polypeptide(L)'
_entity_poly.pdbx_seq_one_letter_code
;MHHHHHHLVPRGMRIYKGVIQAIQKSDEGHPFRAYLESEVAISEELVQKYSNSALGHVNSTIKELRRLFLVDDLVDSLK
;
_entity_poly.pdbx_strand_id   A
#
# COMPACT_ATOMS: atom_id res chain seq x y z
N MET A 13 11.37 -6.66 5.78
CA MET A 13 11.27 -5.19 5.93
C MET A 13 11.41 -4.54 4.56
N ARG A 14 12.02 -5.26 3.62
CA ARG A 14 12.21 -4.76 2.27
C ARG A 14 10.97 -4.02 1.77
N ILE A 15 9.82 -4.37 2.31
CA ILE A 15 8.56 -3.74 1.91
C ILE A 15 8.77 -2.23 1.73
N TYR A 16 9.35 -1.62 2.74
CA TYR A 16 9.64 -0.19 2.71
C TYR A 16 10.42 0.13 1.44
N LYS A 17 11.45 -0.65 1.17
CA LYS A 17 12.24 -0.47 -0.03
C LYS A 17 11.38 -0.74 -1.26
N GLY A 18 10.48 -1.71 -1.14
CA GLY A 18 9.58 -2.07 -2.23
C GLY A 18 8.53 -0.99 -2.46
N VAL A 19 8.17 -0.30 -1.39
CA VAL A 19 7.16 0.74 -1.47
C VAL A 19 7.66 1.85 -2.39
N ILE A 20 8.95 1.85 -2.63
CA ILE A 20 9.56 2.84 -3.51
C ILE A 20 8.80 2.86 -4.83
N GLN A 21 8.28 1.70 -5.20
CA GLN A 21 7.53 1.58 -6.43
C GLN A 21 6.47 2.68 -6.49
N ALA A 22 5.93 3.03 -5.31
CA ALA A 22 4.95 4.09 -5.22
C ALA A 22 5.63 5.45 -5.38
N ILE A 23 6.76 5.62 -4.69
CA ILE A 23 7.49 6.88 -4.74
C ILE A 23 8.02 7.18 -6.15
N GLN A 24 8.60 6.17 -6.78
CA GLN A 24 9.15 6.34 -8.12
C GLN A 24 8.03 6.52 -9.15
N LYS A 25 6.91 5.83 -8.93
CA LYS A 25 5.78 5.91 -9.85
C LYS A 25 5.12 7.29 -9.77
N SER A 26 5.91 8.33 -9.95
CA SER A 26 5.38 9.69 -9.90
C SER A 26 4.34 9.89 -10.99
N ASP A 27 4.08 8.84 -11.75
CA ASP A 27 3.10 8.88 -12.83
C ASP A 27 1.81 8.26 -12.34
N GLU A 28 1.79 7.91 -11.05
CA GLU A 28 0.61 7.32 -10.44
C GLU A 28 0.02 8.25 -9.40
N GLY A 29 0.24 9.55 -9.59
CA GLY A 29 -0.28 10.55 -8.67
C GLY A 29 0.64 10.67 -7.47
N HIS A 30 1.86 10.17 -7.64
CA HIS A 30 2.85 10.17 -6.56
C HIS A 30 2.17 9.96 -5.20
N PRO A 31 1.41 8.89 -5.02
CA PRO A 31 0.73 8.63 -3.73
C PRO A 31 1.66 7.88 -2.77
N PHE A 32 1.76 8.38 -1.55
CA PHE A 32 2.63 7.79 -0.53
C PHE A 32 1.80 7.24 0.64
N ARG A 33 1.04 8.11 1.29
CA ARG A 33 0.23 7.69 2.41
C ARG A 33 -0.90 6.79 1.97
N ALA A 34 -1.49 7.09 0.81
CA ALA A 34 -2.59 6.28 0.32
C ALA A 34 -2.07 4.87 -0.03
N TYR A 35 -0.84 4.80 -0.55
CA TYR A 35 -0.25 3.49 -0.90
C TYR A 35 -0.02 2.66 0.37
N LEU A 36 0.31 3.34 1.47
CA LEU A 36 0.57 2.66 2.74
C LEU A 36 -0.64 1.87 3.22
N GLU A 37 -1.83 2.39 3.00
CA GLU A 37 -3.02 1.70 3.42
C GLU A 37 -3.03 0.26 2.89
N SER A 38 -2.72 0.11 1.60
CA SER A 38 -2.73 -1.19 0.96
C SER A 38 -1.53 -2.05 1.39
N GLU A 39 -0.49 -1.41 1.93
CA GLU A 39 0.70 -2.15 2.36
C GLU A 39 0.38 -3.09 3.50
N VAL A 40 -0.77 -2.87 4.13
CA VAL A 40 -1.15 -3.71 5.27
C VAL A 40 -1.53 -5.13 4.85
N ALA A 41 -2.42 -5.27 3.86
CA ALA A 41 -2.83 -6.61 3.42
C ALA A 41 -1.75 -7.20 2.53
N ILE A 42 -0.80 -6.36 2.16
CA ILE A 42 0.32 -6.76 1.31
C ILE A 42 1.54 -7.11 2.13
N SER A 43 1.70 -6.38 3.23
CA SER A 43 2.82 -6.54 4.17
C SER A 43 3.59 -7.86 3.98
N GLU A 44 2.87 -8.97 3.82
CA GLU A 44 3.50 -10.27 3.66
C GLU A 44 4.54 -10.24 2.53
N GLU A 45 4.11 -9.89 1.31
CA GLU A 45 5.03 -9.83 0.16
C GLU A 45 4.62 -8.67 -0.75
N LEU A 46 5.51 -7.68 -0.88
CA LEU A 46 5.21 -6.51 -1.70
C LEU A 46 5.11 -6.80 -3.19
N VAL A 47 6.15 -7.37 -3.78
CA VAL A 47 6.14 -7.61 -5.22
C VAL A 47 5.19 -8.74 -5.62
N GLN A 48 5.09 -9.79 -4.80
CA GLN A 48 4.24 -10.92 -5.15
C GLN A 48 2.76 -10.53 -5.20
N LYS A 49 2.26 -9.93 -4.13
CA LYS A 49 0.85 -9.54 -4.08
C LYS A 49 0.56 -8.42 -5.05
N TYR A 50 1.51 -7.54 -5.18
CA TYR A 50 1.40 -6.41 -6.07
C TYR A 50 1.19 -6.87 -7.52
N SER A 51 2.05 -7.79 -7.97
CA SER A 51 1.94 -8.33 -9.33
C SER A 51 0.72 -9.25 -9.47
N ASN A 52 0.46 -10.04 -8.43
CA ASN A 52 -0.65 -10.98 -8.47
C ASN A 52 -2.02 -10.34 -8.26
N SER A 53 -2.24 -9.76 -7.08
CA SER A 53 -3.53 -9.14 -6.79
C SER A 53 -3.64 -7.76 -7.41
N ALA A 54 -3.28 -7.68 -8.67
CA ALA A 54 -3.35 -6.44 -9.40
C ALA A 54 -4.76 -5.87 -9.28
N LEU A 55 -5.71 -6.76 -9.02
CA LEU A 55 -7.12 -6.37 -8.89
C LEU A 55 -7.47 -5.95 -7.46
N GLY A 56 -7.26 -6.83 -6.50
CA GLY A 56 -7.57 -6.54 -5.10
C GLY A 56 -7.23 -5.10 -4.72
N HIS A 57 -6.18 -4.55 -5.32
CA HIS A 57 -5.76 -3.19 -5.02
C HIS A 57 -6.90 -2.19 -5.24
N VAL A 58 -7.94 -2.61 -5.95
CA VAL A 58 -9.06 -1.71 -6.26
C VAL A 58 -10.01 -1.49 -5.07
N ASN A 59 -10.72 -2.52 -4.62
CA ASN A 59 -11.64 -2.32 -3.52
C ASN A 59 -10.91 -2.07 -2.22
N SER A 60 -9.80 -2.76 -2.01
CA SER A 60 -9.05 -2.60 -0.79
C SER A 60 -8.82 -1.12 -0.56
N THR A 61 -8.57 -0.40 -1.63
CA THR A 61 -8.35 1.02 -1.52
C THR A 61 -9.58 1.73 -0.97
N ILE A 62 -10.74 1.45 -1.56
CA ILE A 62 -11.95 2.11 -1.12
C ILE A 62 -12.36 1.68 0.28
N LYS A 63 -12.30 0.38 0.52
CA LYS A 63 -12.69 -0.16 1.82
C LYS A 63 -11.73 0.21 2.95
N GLU A 64 -10.43 0.03 2.69
CA GLU A 64 -9.40 0.27 3.72
C GLU A 64 -9.11 1.75 4.01
N LEU A 65 -9.29 2.64 3.05
CA LEU A 65 -8.96 4.06 3.28
C LEU A 65 -9.62 4.62 4.54
N ARG A 66 -10.92 4.82 4.49
CA ARG A 66 -11.62 5.38 5.64
C ARG A 66 -11.23 4.63 6.91
N ARG A 67 -11.03 3.32 6.76
CA ARG A 67 -10.66 2.47 7.87
C ARG A 67 -9.25 2.74 8.38
N LEU A 68 -8.31 2.97 7.48
CA LEU A 68 -6.92 3.19 7.89
C LEU A 68 -6.81 4.42 8.77
N PHE A 69 -7.46 5.50 8.36
CA PHE A 69 -7.41 6.75 9.11
C PHE A 69 -8.00 6.58 10.51
N LEU A 70 -9.07 5.80 10.62
CA LEU A 70 -9.71 5.59 11.92
C LEU A 70 -8.71 4.93 12.88
N VAL A 71 -7.93 3.97 12.36
CA VAL A 71 -6.94 3.27 13.19
C VAL A 71 -5.57 3.95 13.12
N ASP A 72 -5.37 4.82 12.13
CA ASP A 72 -4.10 5.53 11.98
C ASP A 72 -2.92 4.56 12.03
N ASP A 73 -2.78 3.74 10.99
CA ASP A 73 -1.68 2.76 10.90
C ASP A 73 -0.81 3.07 9.69
N LEU A 74 -0.86 4.31 9.21
CA LEU A 74 -0.08 4.69 8.04
C LEU A 74 1.41 4.53 8.32
N VAL A 75 1.85 4.96 9.50
CA VAL A 75 3.27 4.83 9.85
C VAL A 75 3.63 3.37 10.07
N ASP A 76 2.72 2.64 10.70
CA ASP A 76 2.94 1.22 10.99
C ASP A 76 2.55 0.34 9.81
N SER A 77 2.01 0.96 8.76
CA SER A 77 1.60 0.22 7.59
C SER A 77 2.75 -0.61 7.05
N LEU A 78 3.97 -0.12 7.27
CA LEU A 78 5.16 -0.82 6.81
C LEU A 78 5.31 -2.16 7.53
N LYS A 79 4.99 -2.18 8.81
CA LYS A 79 5.09 -3.40 9.61
C LYS A 79 3.92 -3.49 10.59
N MET A 13 12.54 -6.35 5.14
CA MET A 13 12.54 -4.87 5.22
C MET A 13 12.40 -4.28 3.81
N ARG A 14 13.02 -4.93 2.85
CA ARG A 14 12.97 -4.48 1.47
C ARG A 14 11.57 -4.01 1.09
N ILE A 15 10.57 -4.54 1.77
CA ILE A 15 9.17 -4.18 1.49
C ILE A 15 9.05 -2.66 1.35
N TYR A 16 9.58 -1.95 2.33
CA TYR A 16 9.55 -0.49 2.32
C TYR A 16 10.26 -0.01 1.05
N LYS A 17 11.39 -0.62 0.77
CA LYS A 17 12.14 -0.27 -0.43
C LYS A 17 11.32 -0.66 -1.65
N GLY A 18 10.52 -1.72 -1.50
CA GLY A 18 9.67 -2.18 -2.60
C GLY A 18 8.51 -1.22 -2.82
N VAL A 19 8.08 -0.57 -1.75
CA VAL A 19 6.96 0.35 -1.84
C VAL A 19 7.32 1.53 -2.73
N ILE A 20 8.61 1.71 -2.95
CA ILE A 20 9.10 2.79 -3.80
C ILE A 20 8.39 2.70 -5.14
N GLN A 21 8.10 1.48 -5.56
CA GLN A 21 7.41 1.28 -6.83
C GLN A 21 6.19 2.18 -6.88
N ALA A 22 5.53 2.33 -5.74
CA ALA A 22 4.37 3.21 -5.66
C ALA A 22 4.81 4.65 -5.87
N ILE A 23 5.93 5.01 -5.25
CA ILE A 23 6.47 6.37 -5.37
C ILE A 23 6.94 6.64 -6.80
N GLN A 24 7.63 5.68 -7.39
CA GLN A 24 8.15 5.84 -8.75
C GLN A 24 7.17 5.32 -9.78
N LYS A 25 6.04 4.75 -9.33
CA LYS A 25 5.05 4.21 -10.25
C LYS A 25 4.89 5.10 -11.49
N SER A 26 4.72 6.39 -11.27
CA SER A 26 4.58 7.33 -12.39
C SER A 26 4.24 8.72 -11.88
N ASP A 27 2.98 8.88 -11.51
CA ASP A 27 2.47 10.15 -11.01
C ASP A 27 1.30 9.87 -10.08
N GLU A 28 1.42 8.79 -9.32
CA GLU A 28 0.39 8.39 -8.36
C GLU A 28 1.02 8.03 -7.03
N GLY A 29 2.06 8.79 -6.65
CA GLY A 29 2.74 8.55 -5.38
C GLY A 29 2.28 9.58 -4.34
N HIS A 30 1.48 10.54 -4.79
CA HIS A 30 0.97 11.56 -3.87
C HIS A 30 -0.13 10.97 -2.97
N PRO A 31 -0.96 10.07 -3.47
CA PRO A 31 -2.02 9.44 -2.65
C PRO A 31 -1.48 8.20 -1.93
N PHE A 32 -0.18 7.97 -2.13
CA PHE A 32 0.51 6.83 -1.53
C PHE A 32 0.18 6.65 -0.04
N ARG A 33 -0.56 7.59 0.52
CA ARG A 33 -0.91 7.49 1.91
C ARG A 33 -1.90 6.36 2.13
N ALA A 34 -2.85 6.20 1.22
CA ALA A 34 -3.84 5.14 1.37
C ALA A 34 -3.16 3.76 1.25
N TYR A 35 -2.09 3.69 0.48
CA TYR A 35 -1.37 2.43 0.29
C TYR A 35 -0.97 1.85 1.65
N LEU A 36 -0.93 2.69 2.68
CA LEU A 36 -0.54 2.25 4.02
C LEU A 36 -1.44 1.11 4.53
N GLU A 37 -2.73 1.21 4.28
CA GLU A 37 -3.67 0.19 4.73
C GLU A 37 -3.38 -1.15 4.04
N SER A 38 -3.04 -1.08 2.76
CA SER A 38 -2.76 -2.28 1.98
C SER A 38 -1.48 -2.99 2.43
N GLU A 39 -0.62 -2.27 3.15
CA GLU A 39 0.64 -2.84 3.63
C GLU A 39 0.37 -4.02 4.55
N VAL A 40 -0.86 -4.15 5.02
CA VAL A 40 -1.21 -5.22 5.93
C VAL A 40 -1.42 -6.56 5.21
N ALA A 41 -2.25 -6.58 4.17
CA ALA A 41 -2.50 -7.82 3.43
C ALA A 41 -1.30 -8.15 2.55
N ILE A 42 -0.43 -7.16 2.41
CA ILE A 42 0.77 -7.28 1.59
C ILE A 42 1.98 -7.68 2.43
N SER A 43 2.02 -7.14 3.64
CA SER A 43 3.09 -7.37 4.62
C SER A 43 4.00 -8.56 4.26
N GLU A 44 3.40 -9.67 3.87
CA GLU A 44 4.16 -10.87 3.52
C GLU A 44 5.23 -10.55 2.46
N GLU A 45 4.83 -9.93 1.36
CA GLU A 45 5.79 -9.58 0.31
C GLU A 45 5.12 -8.64 -0.70
N LEU A 46 5.77 -7.51 -0.99
CA LEU A 46 5.21 -6.53 -1.90
C LEU A 46 5.11 -7.02 -3.34
N VAL A 47 6.18 -7.59 -3.87
CA VAL A 47 6.15 -8.03 -5.28
C VAL A 47 5.16 -9.18 -5.54
N GLN A 48 5.06 -10.12 -4.61
CA GLN A 48 4.16 -11.26 -4.80
C GLN A 48 2.69 -10.83 -4.88
N LYS A 49 2.23 -10.10 -3.87
CA LYS A 49 0.86 -9.65 -3.83
C LYS A 49 0.58 -8.65 -4.93
N TYR A 50 1.57 -7.83 -5.19
CA TYR A 50 1.49 -6.81 -6.21
C TYR A 50 1.18 -7.43 -7.57
N SER A 51 1.92 -8.47 -7.93
CA SER A 51 1.73 -9.14 -9.21
C SER A 51 0.39 -9.91 -9.22
N ASN A 52 0.04 -10.49 -8.08
CA ASN A 52 -1.18 -11.29 -7.98
C ASN A 52 -2.44 -10.46 -7.74
N SER A 53 -2.53 -9.80 -6.58
CA SER A 53 -3.74 -9.02 -6.26
C SER A 53 -3.65 -7.60 -6.80
N ALA A 54 -3.28 -7.51 -8.07
CA ALA A 54 -3.19 -6.24 -8.73
C ALA A 54 -4.57 -5.59 -8.79
N LEU A 55 -5.60 -6.44 -8.77
CA LEU A 55 -6.98 -5.98 -8.85
C LEU A 55 -7.57 -5.69 -7.47
N GLY A 56 -6.90 -6.18 -6.43
CA GLY A 56 -7.37 -5.98 -5.06
C GLY A 56 -6.83 -4.69 -4.45
N HIS A 57 -5.57 -4.37 -4.73
CA HIS A 57 -4.96 -3.16 -4.19
C HIS A 57 -5.61 -1.91 -4.73
N VAL A 58 -5.92 -1.90 -6.03
CA VAL A 58 -6.50 -0.72 -6.66
C VAL A 58 -7.74 -0.20 -5.93
N ASN A 59 -8.81 -0.98 -5.88
CA ASN A 59 -10.01 -0.49 -5.20
C ASN A 59 -9.83 -0.44 -3.69
N SER A 60 -9.13 -1.44 -3.14
CA SER A 60 -8.93 -1.48 -1.71
C SER A 60 -8.40 -0.15 -1.24
N THR A 61 -7.55 0.45 -2.07
CA THR A 61 -6.99 1.74 -1.74
C THR A 61 -8.08 2.81 -1.63
N ILE A 62 -9.00 2.83 -2.60
CA ILE A 62 -10.05 3.83 -2.61
C ILE A 62 -11.16 3.49 -1.60
N LYS A 63 -11.46 2.21 -1.46
CA LYS A 63 -12.51 1.79 -0.55
C LYS A 63 -12.13 2.04 0.92
N GLU A 64 -10.93 1.63 1.29
CA GLU A 64 -10.46 1.74 2.68
C GLU A 64 -9.99 3.14 3.10
N LEU A 65 -9.49 3.96 2.17
CA LEU A 65 -8.93 5.28 2.55
C LEU A 65 -9.72 5.93 3.69
N ARG A 66 -11.00 5.62 3.81
CA ARG A 66 -11.81 6.17 4.90
C ARG A 66 -11.42 5.53 6.23
N ARG A 67 -11.23 4.22 6.18
CA ARG A 67 -10.87 3.42 7.35
C ARG A 67 -9.43 3.65 7.81
N LEU A 68 -8.56 4.05 6.90
CA LEU A 68 -7.16 4.25 7.26
C LEU A 68 -7.02 5.28 8.36
N PHE A 69 -7.76 6.37 8.22
CA PHE A 69 -7.69 7.43 9.21
C PHE A 69 -8.36 7.02 10.51
N LEU A 70 -9.49 6.32 10.41
CA LEU A 70 -10.19 5.88 11.61
C LEU A 70 -9.35 4.89 12.42
N VAL A 71 -8.78 3.90 11.73
CA VAL A 71 -7.96 2.89 12.40
C VAL A 71 -6.56 3.44 12.74
N ASP A 72 -6.16 4.51 12.06
CA ASP A 72 -4.85 5.10 12.30
C ASP A 72 -3.76 4.03 12.41
N ASP A 73 -3.62 3.23 11.35
CA ASP A 73 -2.63 2.16 11.30
C ASP A 73 -1.44 2.56 10.43
N LEU A 74 -1.22 3.86 10.31
CA LEU A 74 -0.14 4.38 9.49
C LEU A 74 1.20 3.78 9.91
N VAL A 75 1.26 3.27 11.14
CA VAL A 75 2.49 2.67 11.64
C VAL A 75 2.87 1.48 10.80
N ASP A 76 1.91 0.97 10.04
CA ASP A 76 2.13 -0.16 9.17
C ASP A 76 2.85 0.26 7.90
N SER A 77 3.12 1.57 7.78
CA SER A 77 3.80 2.09 6.61
C SER A 77 5.03 1.24 6.29
N LEU A 78 5.38 0.36 7.22
CA LEU A 78 6.52 -0.52 7.06
C LEU A 78 7.81 0.29 7.04
N LYS A 79 8.00 1.06 8.10
CA LYS A 79 9.20 1.90 8.20
C LYS A 79 10.43 1.15 7.70
N MET A 13 12.55 -6.10 5.76
CA MET A 13 12.41 -4.62 5.71
C MET A 13 12.28 -4.18 4.26
N ARG A 14 12.88 -4.93 3.35
CA ARG A 14 12.84 -4.63 1.94
C ARG A 14 11.45 -4.19 1.51
N ILE A 15 10.44 -4.62 2.26
CA ILE A 15 9.06 -4.27 1.94
C ILE A 15 8.96 -2.77 1.63
N TYR A 16 9.47 -1.98 2.55
CA TYR A 16 9.47 -0.53 2.39
C TYR A 16 10.27 -0.16 1.14
N LYS A 17 11.39 -0.85 0.96
CA LYS A 17 12.23 -0.61 -0.20
C LYS A 17 11.47 -0.99 -1.47
N GLY A 18 10.64 -2.03 -1.36
CA GLY A 18 9.84 -2.49 -2.50
C GLY A 18 8.73 -1.50 -2.81
N VAL A 19 8.25 -0.81 -1.78
CA VAL A 19 7.16 0.13 -1.95
C VAL A 19 7.62 1.28 -2.84
N ILE A 20 8.93 1.40 -2.99
CA ILE A 20 9.51 2.45 -3.83
C ILE A 20 8.86 2.40 -5.20
N GLN A 21 8.55 1.19 -5.64
CA GLN A 21 7.92 1.00 -6.95
C GLN A 21 6.74 1.95 -7.06
N ALA A 22 5.98 2.08 -5.97
CA ALA A 22 4.85 2.98 -5.96
C ALA A 22 5.34 4.43 -6.03
N ILE A 23 6.44 4.70 -5.32
CA ILE A 23 7.02 6.03 -5.29
C ILE A 23 7.55 6.44 -6.65
N GLN A 24 8.31 5.56 -7.29
CA GLN A 24 8.88 5.83 -8.60
C GLN A 24 7.85 5.67 -9.70
N LYS A 25 6.74 5.02 -9.40
CA LYS A 25 5.71 4.80 -10.41
C LYS A 25 5.41 6.09 -11.16
N SER A 26 5.38 7.21 -10.45
CA SER A 26 5.11 8.49 -11.07
C SER A 26 3.80 8.44 -11.84
N ASP A 27 2.79 9.03 -11.24
CA ASP A 27 1.42 9.08 -11.82
C ASP A 27 0.41 9.07 -10.68
N GLU A 28 0.78 8.40 -9.59
CA GLU A 28 -0.07 8.32 -8.42
C GLU A 28 0.72 8.65 -7.14
N GLY A 29 1.11 9.94 -6.98
CA GLY A 29 1.86 10.36 -5.80
C GLY A 29 0.94 11.05 -4.80
N HIS A 30 -0.29 11.33 -5.22
CA HIS A 30 -1.25 11.98 -4.35
C HIS A 30 -1.72 11.02 -3.22
N PRO A 31 -1.81 9.72 -3.46
CA PRO A 31 -2.22 8.75 -2.42
C PRO A 31 -1.00 8.29 -1.62
N PHE A 32 0.01 9.14 -1.61
CA PHE A 32 1.27 8.86 -0.91
C PHE A 32 1.06 8.06 0.37
N ARG A 33 0.56 8.71 1.41
CA ARG A 33 0.33 8.03 2.68
C ARG A 33 -0.81 7.02 2.57
N ALA A 34 -1.80 7.34 1.76
CA ALA A 34 -2.93 6.42 1.61
C ALA A 34 -2.43 5.06 1.15
N TYR A 35 -1.29 5.04 0.46
CA TYR A 35 -0.72 3.78 -0.03
C TYR A 35 -0.49 2.81 1.13
N LEU A 36 -0.24 3.35 2.32
CA LEU A 36 0.01 2.52 3.49
C LEU A 36 -1.18 1.62 3.82
N GLU A 37 -2.37 2.12 3.56
CA GLU A 37 -3.57 1.35 3.85
C GLU A 37 -3.52 -0.01 3.15
N SER A 38 -3.18 0.00 1.86
CA SER A 38 -3.14 -1.24 1.08
C SER A 38 -1.94 -2.10 1.45
N GLU A 39 -0.92 -1.50 2.06
CA GLU A 39 0.28 -2.24 2.44
C GLU A 39 -0.04 -3.25 3.52
N VAL A 40 -1.19 -3.08 4.17
CA VAL A 40 -1.57 -3.98 5.25
C VAL A 40 -1.99 -5.36 4.73
N ALA A 41 -2.89 -5.41 3.75
CA ALA A 41 -3.34 -6.69 3.22
C ALA A 41 -2.24 -7.32 2.37
N ILE A 42 -1.24 -6.50 2.06
CA ILE A 42 -0.11 -6.91 1.24
C ILE A 42 1.04 -7.41 2.11
N SER A 43 1.21 -6.73 3.24
CA SER A 43 2.26 -7.02 4.22
C SER A 43 2.84 -8.43 4.09
N GLU A 44 1.98 -9.42 3.86
CA GLU A 44 2.42 -10.81 3.73
C GLU A 44 3.45 -10.96 2.60
N GLU A 45 3.07 -10.60 1.38
CA GLU A 45 3.98 -10.71 0.23
C GLU A 45 3.83 -9.48 -0.67
N LEU A 46 4.84 -8.62 -0.67
CA LEU A 46 4.77 -7.41 -1.47
C LEU A 46 4.83 -7.64 -2.98
N VAL A 47 5.85 -8.33 -3.47
CA VAL A 47 5.98 -8.55 -4.91
C VAL A 47 4.97 -9.56 -5.45
N GLN A 48 4.76 -10.66 -4.73
CA GLN A 48 3.83 -11.69 -5.21
C GLN A 48 2.41 -11.15 -5.29
N LYS A 49 1.95 -10.54 -4.21
CA LYS A 49 0.59 -10.01 -4.18
C LYS A 49 0.41 -8.94 -5.23
N TYR A 50 1.41 -8.11 -5.34
CA TYR A 50 1.40 -7.03 -6.30
C TYR A 50 1.25 -7.58 -7.72
N SER A 51 2.08 -8.56 -8.07
CA SER A 51 2.03 -9.16 -9.39
C SER A 51 0.79 -10.01 -9.56
N ASN A 52 0.37 -10.66 -8.46
CA ASN A 52 -0.78 -11.55 -8.50
C ASN A 52 -2.13 -10.84 -8.34
N SER A 53 -2.37 -10.23 -7.17
CA SER A 53 -3.66 -9.56 -6.92
C SER A 53 -3.64 -8.08 -7.24
N ALA A 54 -3.15 -7.78 -8.42
CA ALA A 54 -3.09 -6.40 -8.89
C ALA A 54 -4.50 -5.87 -9.07
N LEU A 55 -5.43 -6.80 -9.26
CA LEU A 55 -6.82 -6.44 -9.48
C LEU A 55 -7.58 -6.30 -8.18
N GLY A 56 -6.92 -6.65 -7.07
CA GLY A 56 -7.55 -6.56 -5.75
C GLY A 56 -6.89 -5.49 -4.87
N HIS A 57 -5.62 -5.20 -5.14
CA HIS A 57 -4.89 -4.20 -4.35
C HIS A 57 -5.24 -2.79 -4.82
N VAL A 58 -5.87 -2.68 -5.98
CA VAL A 58 -6.19 -1.37 -6.52
C VAL A 58 -7.41 -0.73 -5.85
N ASN A 59 -8.59 -1.36 -5.95
CA ASN A 59 -9.77 -0.77 -5.34
C ASN A 59 -9.70 -0.86 -3.82
N SER A 60 -9.20 -1.99 -3.32
CA SER A 60 -9.13 -2.17 -1.88
C SER A 60 -8.48 -0.94 -1.27
N THR A 61 -7.54 -0.37 -1.99
CA THR A 61 -6.87 0.81 -1.52
C THR A 61 -7.84 1.97 -1.39
N ILE A 62 -8.67 2.16 -2.40
CA ILE A 62 -9.61 3.27 -2.40
C ILE A 62 -10.72 3.04 -1.38
N LYS A 63 -11.17 1.81 -1.26
CA LYS A 63 -12.24 1.50 -0.34
C LYS A 63 -11.79 1.67 1.14
N GLU A 64 -10.58 1.19 1.43
CA GLU A 64 -10.03 1.20 2.80
C GLU A 64 -9.43 2.55 3.25
N LEU A 65 -8.95 3.37 2.32
CA LEU A 65 -8.28 4.64 2.72
C LEU A 65 -8.92 5.27 3.96
N ARG A 66 -10.24 5.19 4.08
CA ARG A 66 -10.93 5.75 5.24
C ARG A 66 -10.64 4.92 6.48
N ARG A 67 -10.53 3.62 6.26
CA ARG A 67 -10.27 2.67 7.30
C ARG A 67 -8.95 2.94 8.04
N LEU A 68 -7.93 3.35 7.30
CA LEU A 68 -6.62 3.59 7.91
C LEU A 68 -6.72 4.69 8.97
N PHE A 69 -7.43 5.74 8.64
CA PHE A 69 -7.55 6.86 9.56
C PHE A 69 -8.24 6.43 10.85
N LEU A 70 -9.24 5.55 10.75
CA LEU A 70 -9.94 5.09 11.93
C LEU A 70 -8.99 4.32 12.87
N VAL A 71 -8.17 3.44 12.28
CA VAL A 71 -7.22 2.64 13.08
C VAL A 71 -5.86 3.33 13.21
N ASP A 72 -5.60 4.31 12.36
CA ASP A 72 -4.32 5.05 12.40
C ASP A 72 -3.15 4.12 12.69
N ASP A 73 -2.79 3.27 11.71
CA ASP A 73 -1.67 2.33 11.84
C ASP A 73 -0.61 2.61 10.79
N LEU A 74 -0.58 3.85 10.29
CA LEU A 74 0.39 4.23 9.27
C LEU A 74 1.82 4.00 9.76
N VAL A 75 2.02 4.07 11.06
CA VAL A 75 3.35 3.85 11.63
C VAL A 75 3.80 2.42 11.41
N ASP A 76 2.91 1.47 11.67
CA ASP A 76 3.23 0.06 11.50
C ASP A 76 3.08 -0.36 10.04
N SER A 77 2.49 0.52 9.24
CA SER A 77 2.31 0.24 7.83
C SER A 77 3.63 0.40 7.10
N LEU A 78 4.73 0.36 7.86
CA LEU A 78 6.05 0.49 7.31
C LEU A 78 6.20 1.83 6.59
N LYS A 79 6.01 2.91 7.34
CA LYS A 79 6.12 4.26 6.79
C LYS A 79 7.31 4.35 5.83
N MET A 13 9.96 -7.43 5.00
CA MET A 13 10.78 -6.18 5.05
C MET A 13 10.82 -5.55 3.67
N ARG A 14 11.24 -6.34 2.68
CA ARG A 14 11.32 -5.87 1.31
C ARG A 14 10.11 -5.02 0.93
N ILE A 15 9.00 -5.26 1.61
CA ILE A 15 7.75 -4.52 1.34
C ILE A 15 8.08 -3.04 1.09
N TYR A 16 8.80 -2.45 2.03
CA TYR A 16 9.20 -1.05 1.94
C TYR A 16 9.82 -0.81 0.56
N LYS A 17 10.73 -1.70 0.18
CA LYS A 17 11.37 -1.59 -1.13
C LYS A 17 10.32 -1.76 -2.22
N GLY A 18 9.35 -2.64 -1.97
CA GLY A 18 8.28 -2.90 -2.94
C GLY A 18 7.31 -1.72 -3.00
N VAL A 19 7.18 -1.03 -1.88
CA VAL A 19 6.26 0.09 -1.79
C VAL A 19 6.70 1.21 -2.74
N ILE A 20 7.95 1.12 -3.16
CA ILE A 20 8.52 2.11 -4.07
C ILE A 20 7.59 2.23 -5.28
N GLN A 21 7.02 1.11 -5.68
CA GLN A 21 6.12 1.10 -6.81
C GLN A 21 5.12 2.25 -6.67
N ALA A 22 4.90 2.67 -5.43
CA ALA A 22 4.01 3.78 -5.15
C ALA A 22 4.74 5.11 -5.35
N ILE A 23 5.93 5.19 -4.75
CA ILE A 23 6.75 6.40 -4.85
C ILE A 23 7.25 6.63 -6.28
N GLN A 24 7.71 5.56 -6.92
CA GLN A 24 8.24 5.66 -8.28
C GLN A 24 7.15 6.03 -9.27
N LYS A 25 5.92 5.60 -9.02
CA LYS A 25 4.83 5.89 -9.95
C LYS A 25 4.90 7.35 -10.45
N SER A 26 5.05 8.30 -9.54
CA SER A 26 5.16 9.72 -9.91
C SER A 26 3.89 10.21 -10.59
N ASP A 27 2.92 9.33 -10.70
CA ASP A 27 1.64 9.66 -11.33
C ASP A 27 0.61 9.89 -10.25
N GLU A 28 0.83 9.24 -9.11
CA GLU A 28 -0.05 9.37 -7.97
C GLU A 28 0.75 9.23 -6.69
N GLY A 29 1.72 10.13 -6.49
CA GLY A 29 2.55 10.10 -5.28
C GLY A 29 2.00 11.08 -4.26
N HIS A 30 0.97 11.85 -4.66
CA HIS A 30 0.37 12.83 -3.75
C HIS A 30 -0.55 12.13 -2.75
N PRO A 31 -1.34 11.17 -3.18
CA PRO A 31 -2.25 10.41 -2.28
C PRO A 31 -1.53 9.18 -1.74
N PHE A 32 -0.24 9.11 -2.01
CA PHE A 32 0.60 8.00 -1.58
C PHE A 32 0.27 7.51 -0.17
N ARG A 33 -0.44 8.31 0.60
CA ARG A 33 -0.80 7.92 1.96
C ARG A 33 -1.82 6.79 1.96
N ALA A 34 -2.74 6.81 1.01
CA ALA A 34 -3.75 5.77 0.93
C ALA A 34 -3.12 4.44 0.53
N TYR A 35 -2.03 4.52 -0.25
CA TYR A 35 -1.35 3.32 -0.71
C TYR A 35 -0.89 2.48 0.49
N LEU A 36 -0.68 3.15 1.62
CA LEU A 36 -0.24 2.48 2.85
C LEU A 36 -1.34 1.61 3.46
N GLU A 37 -2.58 1.99 3.22
CA GLU A 37 -3.69 1.25 3.76
C GLU A 37 -3.56 -0.23 3.46
N SER A 38 -3.31 -0.54 2.19
CA SER A 38 -3.20 -1.94 1.78
C SER A 38 -1.92 -2.59 2.31
N GLU A 39 -0.84 -1.82 2.34
CA GLU A 39 0.44 -2.34 2.82
C GLU A 39 0.24 -3.15 4.08
N VAL A 40 -0.87 -2.92 4.77
CA VAL A 40 -1.13 -3.62 6.01
C VAL A 40 -1.68 -5.03 5.76
N ALA A 41 -2.75 -5.14 4.95
CA ALA A 41 -3.33 -6.45 4.66
C ALA A 41 -2.49 -7.18 3.62
N ILE A 42 -1.59 -6.42 3.00
CA ILE A 42 -0.69 -6.94 1.97
C ILE A 42 0.66 -7.32 2.58
N SER A 43 1.03 -6.61 3.64
CA SER A 43 2.29 -6.82 4.36
C SER A 43 2.87 -8.22 4.19
N GLU A 44 2.02 -9.23 4.02
CA GLU A 44 2.49 -10.60 3.85
C GLU A 44 3.50 -10.72 2.71
N GLU A 45 3.21 -10.09 1.57
CA GLU A 45 4.11 -10.15 0.42
C GLU A 45 3.63 -9.22 -0.70
N LEU A 46 4.00 -7.95 -0.61
CA LEU A 46 3.58 -6.95 -1.59
C LEU A 46 4.17 -7.19 -2.99
N VAL A 47 5.45 -7.52 -3.07
CA VAL A 47 6.07 -7.69 -4.37
C VAL A 47 5.40 -8.79 -5.18
N GLN A 48 5.18 -9.93 -4.55
CA GLN A 48 4.55 -11.03 -5.27
C GLN A 48 3.10 -10.71 -5.59
N LYS A 49 2.40 -10.14 -4.63
CA LYS A 49 0.99 -9.78 -4.80
C LYS A 49 0.83 -8.71 -5.86
N TYR A 50 1.71 -7.75 -5.83
CA TYR A 50 1.68 -6.66 -6.76
C TYR A 50 1.81 -7.16 -8.19
N SER A 51 2.79 -8.01 -8.42
CA SER A 51 3.01 -8.58 -9.75
C SER A 51 1.93 -9.61 -10.11
N ASN A 52 1.55 -10.44 -9.15
CA ASN A 52 0.56 -11.49 -9.39
C ASN A 52 -0.88 -10.98 -9.42
N SER A 53 -1.39 -10.50 -8.28
CA SER A 53 -2.77 -10.03 -8.19
C SER A 53 -2.81 -8.50 -8.05
N ALA A 54 -2.26 -7.83 -9.04
CA ALA A 54 -2.26 -6.38 -9.04
C ALA A 54 -3.70 -5.89 -8.89
N LEU A 55 -4.64 -6.74 -9.28
CA LEU A 55 -6.06 -6.40 -9.23
C LEU A 55 -6.66 -6.65 -7.84
N GLY A 56 -5.92 -7.35 -6.98
CA GLY A 56 -6.41 -7.65 -5.63
C GLY A 56 -6.00 -6.57 -4.63
N HIS A 57 -4.92 -5.87 -4.90
CA HIS A 57 -4.42 -4.81 -4.00
C HIS A 57 -4.94 -3.44 -4.45
N VAL A 58 -5.25 -3.31 -5.73
CA VAL A 58 -5.68 -2.03 -6.25
C VAL A 58 -6.99 -1.53 -5.64
N ASN A 59 -8.08 -2.30 -5.73
CA ASN A 59 -9.35 -1.84 -5.17
C ASN A 59 -9.35 -1.90 -3.66
N SER A 60 -8.76 -2.94 -3.10
CA SER A 60 -8.73 -3.07 -1.65
C SER A 60 -8.22 -1.78 -1.06
N THR A 61 -7.26 -1.17 -1.73
CA THR A 61 -6.70 0.08 -1.26
C THR A 61 -7.78 1.17 -1.25
N ILE A 62 -8.53 1.29 -2.34
CA ILE A 62 -9.56 2.33 -2.42
C ILE A 62 -10.73 2.03 -1.48
N LYS A 63 -10.90 0.76 -1.14
CA LYS A 63 -12.00 0.38 -0.26
C LYS A 63 -11.76 0.79 1.23
N GLU A 64 -10.67 0.26 1.80
CA GLU A 64 -10.31 0.47 3.23
C GLU A 64 -9.67 1.84 3.57
N LEU A 65 -9.04 2.52 2.60
CA LEU A 65 -8.33 3.79 2.90
C LEU A 65 -9.08 4.66 3.93
N ARG A 66 -10.36 4.39 4.15
CA ARG A 66 -11.14 5.16 5.12
C ARG A 66 -10.66 4.84 6.53
N ARG A 67 -10.26 3.59 6.69
CA ARG A 67 -9.79 3.05 7.96
C ARG A 67 -8.37 3.51 8.27
N LEU A 68 -7.60 3.83 7.25
CA LEU A 68 -6.21 4.24 7.46
C LEU A 68 -6.14 5.50 8.32
N PHE A 69 -7.00 6.45 8.02
CA PHE A 69 -7.01 7.70 8.77
C PHE A 69 -7.55 7.49 10.17
N LEU A 70 -8.58 6.66 10.30
CA LEU A 70 -9.17 6.40 11.61
C LEU A 70 -8.16 5.75 12.54
N VAL A 71 -7.42 4.76 12.02
CA VAL A 71 -6.41 4.05 12.81
C VAL A 71 -5.08 4.80 12.81
N ASP A 72 -4.88 5.68 11.84
CA ASP A 72 -3.64 6.45 11.75
C ASP A 72 -2.42 5.56 11.99
N ASP A 73 -2.35 4.46 11.23
CA ASP A 73 -1.22 3.52 11.36
C ASP A 73 -0.42 3.46 10.07
N LEU A 74 -0.51 4.52 9.27
CA LEU A 74 0.21 4.59 8.00
C LEU A 74 1.72 4.66 8.23
N VAL A 75 2.14 5.28 9.33
CA VAL A 75 3.56 5.40 9.62
C VAL A 75 4.17 4.04 9.94
N ASP A 76 3.45 3.26 10.74
CA ASP A 76 3.92 1.94 11.14
C ASP A 76 3.57 0.90 10.10
N SER A 77 2.90 1.31 9.04
CA SER A 77 2.52 0.38 7.99
C SER A 77 3.68 -0.52 7.64
N LEU A 78 4.88 0.03 7.70
CA LEU A 78 6.09 -0.72 7.38
C LEU A 78 7.18 -0.43 8.40
N LYS A 79 6.78 -0.36 9.66
CA LYS A 79 7.71 -0.08 10.75
C LYS A 79 8.77 0.92 10.32
N MET A 13 11.97 -7.22 5.28
CA MET A 13 11.80 -5.76 5.49
C MET A 13 11.79 -5.05 4.14
N ARG A 14 12.34 -5.70 3.12
CA ARG A 14 12.41 -5.14 1.79
C ARG A 14 11.11 -4.43 1.42
N ILE A 15 10.01 -4.85 2.05
CA ILE A 15 8.69 -4.26 1.78
C ILE A 15 8.83 -2.75 1.64
N TYR A 16 9.48 -2.16 2.62
CA TYR A 16 9.72 -0.73 2.62
C TYR A 16 10.41 -0.34 1.31
N LYS A 17 11.41 -1.12 0.95
CA LYS A 17 12.13 -0.88 -0.30
C LYS A 17 11.19 -1.13 -1.48
N GLY A 18 10.29 -2.10 -1.32
CA GLY A 18 9.33 -2.42 -2.37
C GLY A 18 8.28 -1.32 -2.51
N VAL A 19 8.01 -0.64 -1.40
CA VAL A 19 7.02 0.42 -1.41
C VAL A 19 7.48 1.57 -2.28
N ILE A 20 8.78 1.60 -2.57
CA ILE A 20 9.35 2.64 -3.41
C ILE A 20 8.56 2.70 -4.70
N GLN A 21 8.13 1.55 -5.17
CA GLN A 21 7.36 1.50 -6.39
C GLN A 21 6.26 2.55 -6.34
N ALA A 22 5.84 2.89 -5.12
CA ALA A 22 4.83 3.92 -4.92
C ALA A 22 5.47 5.30 -5.00
N ILE A 23 6.58 5.46 -4.29
CA ILE A 23 7.30 6.74 -4.26
C ILE A 23 7.88 7.09 -5.62
N GLN A 24 8.54 6.13 -6.26
CA GLN A 24 9.16 6.37 -7.57
C GLN A 24 8.12 6.62 -8.65
N LYS A 25 7.04 5.84 -8.63
CA LYS A 25 6.00 6.00 -9.65
C LYS A 25 5.61 7.46 -9.82
N SER A 26 5.13 8.08 -8.75
CA SER A 26 4.71 9.47 -8.80
C SER A 26 3.80 9.71 -9.99
N ASP A 27 3.34 8.61 -10.59
CA ASP A 27 2.45 8.67 -11.74
C ASP A 27 1.24 7.78 -11.45
N GLU A 28 0.96 7.59 -10.17
CA GLU A 28 -0.19 6.78 -9.74
C GLU A 28 -1.24 7.64 -9.06
N GLY A 29 -1.26 8.93 -9.39
CA GLY A 29 -2.22 9.87 -8.81
C GLY A 29 -1.58 10.64 -7.66
N HIS A 30 -0.28 10.41 -7.46
CA HIS A 30 0.46 11.04 -6.38
C HIS A 30 -0.08 10.60 -5.02
N PRO A 31 -0.46 9.35 -4.86
CA PRO A 31 -0.97 8.84 -3.56
C PRO A 31 0.14 8.74 -2.53
N PHE A 32 -0.23 8.79 -1.26
CA PHE A 32 0.73 8.73 -0.18
C PHE A 32 0.31 7.71 0.89
N ARG A 33 -0.39 8.19 1.92
CA ARG A 33 -0.84 7.33 2.99
C ARG A 33 -1.91 6.37 2.52
N ALA A 34 -2.76 6.81 1.61
CA ALA A 34 -3.82 5.94 1.12
C ALA A 34 -3.22 4.62 0.63
N TYR A 35 -1.97 4.67 0.15
CA TYR A 35 -1.30 3.47 -0.34
C TYR A 35 -0.89 2.57 0.85
N LEU A 36 -0.57 3.17 1.99
CA LEU A 36 -0.14 2.42 3.17
C LEU A 36 -1.21 1.44 3.64
N GLU A 37 -2.47 1.82 3.48
CA GLU A 37 -3.57 0.96 3.90
C GLU A 37 -3.40 -0.46 3.37
N SER A 38 -3.20 -0.57 2.06
CA SER A 38 -3.05 -1.88 1.41
C SER A 38 -1.70 -2.53 1.72
N GLU A 39 -0.72 -1.73 2.12
CA GLU A 39 0.61 -2.24 2.42
C GLU A 39 0.58 -3.15 3.64
N VAL A 40 -0.48 -3.04 4.42
CA VAL A 40 -0.58 -3.83 5.64
C VAL A 40 -0.91 -5.29 5.36
N ALA A 41 -1.97 -5.54 4.60
CA ALA A 41 -2.34 -6.92 4.28
C ALA A 41 -1.29 -7.55 3.38
N ILE A 42 -0.65 -6.69 2.58
CA ILE A 42 0.40 -7.10 1.64
C ILE A 42 1.65 -7.56 2.40
N SER A 43 1.98 -6.80 3.43
CA SER A 43 3.16 -7.03 4.27
C SER A 43 3.72 -8.46 4.15
N GLU A 44 2.84 -9.45 4.10
CA GLU A 44 3.28 -10.85 3.99
C GLU A 44 4.04 -11.10 2.68
N GLU A 45 3.51 -10.59 1.56
CA GLU A 45 4.16 -10.78 0.26
C GLU A 45 4.01 -9.51 -0.58
N LEU A 46 5.11 -8.76 -0.72
CA LEU A 46 5.06 -7.49 -1.47
C LEU A 46 4.90 -7.67 -2.98
N VAL A 47 5.82 -8.37 -3.62
CA VAL A 47 5.76 -8.53 -5.07
C VAL A 47 4.67 -9.50 -5.53
N GLN A 48 4.39 -10.54 -4.74
CA GLN A 48 3.39 -11.52 -5.15
C GLN A 48 2.01 -10.91 -5.35
N LYS A 49 1.50 -10.23 -4.34
CA LYS A 49 0.17 -9.62 -4.43
C LYS A 49 0.18 -8.46 -5.40
N TYR A 50 1.22 -7.68 -5.32
CA TYR A 50 1.37 -6.54 -6.17
C TYR A 50 1.31 -6.95 -7.64
N SER A 51 2.11 -7.95 -8.01
CA SER A 51 2.11 -8.44 -9.38
C SER A 51 0.84 -9.24 -9.70
N ASN A 52 0.42 -10.08 -8.76
CA ASN A 52 -0.75 -10.93 -8.98
C ASN A 52 -2.10 -10.27 -8.65
N SER A 53 -2.33 -9.98 -7.37
CA SER A 53 -3.60 -9.39 -6.95
C SER A 53 -3.67 -7.90 -7.35
N ALA A 54 -3.15 -7.58 -8.52
CA ALA A 54 -3.18 -6.20 -9.01
C ALA A 54 -4.62 -5.78 -9.25
N LEU A 55 -5.47 -6.75 -9.53
CA LEU A 55 -6.89 -6.50 -9.80
C LEU A 55 -7.69 -6.49 -8.50
N GLY A 56 -7.02 -6.76 -7.38
CA GLY A 56 -7.69 -6.78 -6.07
C GLY A 56 -7.05 -5.82 -5.07
N HIS A 57 -5.91 -5.22 -5.46
CA HIS A 57 -5.21 -4.28 -4.56
C HIS A 57 -5.56 -2.84 -4.90
N VAL A 58 -6.13 -2.63 -6.08
CA VAL A 58 -6.45 -1.28 -6.52
C VAL A 58 -7.70 -0.72 -5.85
N ASN A 59 -8.85 -1.39 -5.98
CA ASN A 59 -10.07 -0.86 -5.37
C ASN A 59 -10.04 -0.98 -3.87
N SER A 60 -9.50 -2.08 -3.36
CA SER A 60 -9.46 -2.28 -1.91
C SER A 60 -8.88 -1.03 -1.27
N THR A 61 -7.93 -0.43 -1.95
CA THR A 61 -7.31 0.78 -1.44
C THR A 61 -8.32 1.92 -1.35
N ILE A 62 -9.05 2.14 -2.43
CA ILE A 62 -10.02 3.22 -2.48
C ILE A 62 -11.20 2.95 -1.56
N LYS A 63 -11.45 1.68 -1.27
CA LYS A 63 -12.57 1.32 -0.43
C LYS A 63 -12.33 1.65 1.06
N GLU A 64 -11.26 1.08 1.63
CA GLU A 64 -10.93 1.23 3.07
C GLU A 64 -10.20 2.53 3.46
N LEU A 65 -9.52 3.19 2.52
CA LEU A 65 -8.73 4.40 2.85
C LEU A 65 -9.40 5.28 3.93
N ARG A 66 -10.71 5.11 4.12
CA ARG A 66 -11.41 5.89 5.14
C ARG A 66 -11.01 5.42 6.53
N ARG A 67 -10.88 4.10 6.64
CA ARG A 67 -10.51 3.46 7.89
C ARG A 67 -9.04 3.66 8.23
N LEU A 68 -8.22 3.91 7.21
CA LEU A 68 -6.79 4.07 7.44
C LEU A 68 -6.53 5.20 8.43
N PHE A 69 -7.22 6.30 8.25
CA PHE A 69 -7.03 7.44 9.13
C PHE A 69 -7.60 7.17 10.51
N LEU A 70 -8.76 6.53 10.57
CA LEU A 70 -9.38 6.23 11.86
C LEU A 70 -8.51 5.28 12.68
N VAL A 71 -8.01 4.22 12.04
CA VAL A 71 -7.18 3.23 12.72
C VAL A 71 -5.74 3.72 12.90
N ASP A 72 -5.31 4.67 12.06
CA ASP A 72 -3.97 5.21 12.15
C ASP A 72 -2.94 4.07 12.23
N ASP A 73 -2.97 3.19 11.24
CA ASP A 73 -2.04 2.05 11.19
C ASP A 73 -0.90 2.36 10.23
N LEU A 74 -0.69 3.64 9.97
CA LEU A 74 0.37 4.06 9.08
C LEU A 74 1.73 3.60 9.59
N VAL A 75 1.89 3.55 10.91
CA VAL A 75 3.17 3.11 11.51
C VAL A 75 3.57 1.76 10.94
N ASP A 76 2.57 0.95 10.63
CA ASP A 76 2.83 -0.37 10.08
C ASP A 76 3.43 -0.26 8.69
N SER A 77 3.58 0.97 8.20
CA SER A 77 4.16 1.20 6.88
C SER A 77 5.62 0.77 6.86
N LEU A 78 6.07 0.13 7.94
CA LEU A 78 7.43 -0.34 8.05
C LEU A 78 8.40 0.82 7.99
N LYS A 79 8.12 1.85 8.80
CA LYS A 79 8.97 3.05 8.85
C LYS A 79 9.43 3.32 10.27
N MET A 13 12.36 -6.90 5.49
CA MET A 13 12.53 -5.42 5.41
C MET A 13 12.39 -4.97 3.96
N ARG A 14 12.88 -5.79 3.04
CA ARG A 14 12.82 -5.49 1.63
C ARG A 14 11.46 -4.91 1.24
N ILE A 15 10.44 -5.25 2.01
CA ILE A 15 9.08 -4.76 1.75
C ILE A 15 9.13 -3.26 1.48
N TYR A 16 9.78 -2.52 2.37
CA TYR A 16 9.92 -1.08 2.22
C TYR A 16 10.58 -0.80 0.88
N LYS A 17 11.63 -1.55 0.58
CA LYS A 17 12.32 -1.40 -0.68
C LYS A 17 11.38 -1.78 -1.81
N GLY A 18 10.50 -2.73 -1.54
CA GLY A 18 9.53 -3.18 -2.54
C GLY A 18 8.47 -2.13 -2.78
N VAL A 19 8.17 -1.35 -1.73
CA VAL A 19 7.15 -0.33 -1.83
C VAL A 19 7.57 0.74 -2.84
N ILE A 20 8.86 0.76 -3.14
CA ILE A 20 9.40 1.71 -4.10
C ILE A 20 8.61 1.63 -5.39
N GLN A 21 8.17 0.42 -5.72
CA GLN A 21 7.40 0.21 -6.94
C GLN A 21 6.28 1.24 -6.98
N ALA A 22 5.70 1.52 -5.82
CA ALA A 22 4.65 2.51 -5.74
C ALA A 22 5.23 3.88 -6.07
N ILE A 23 6.43 4.15 -5.53
CA ILE A 23 7.11 5.41 -5.77
C ILE A 23 7.50 5.56 -7.24
N GLN A 24 8.05 4.48 -7.81
CA GLN A 24 8.47 4.49 -9.20
C GLN A 24 7.30 4.73 -10.12
N LYS A 25 6.09 4.52 -9.63
CA LYS A 25 4.88 4.71 -10.46
C LYS A 25 5.09 5.84 -11.47
N SER A 26 5.24 7.07 -10.97
CA SER A 26 5.45 8.22 -11.83
C SER A 26 5.82 9.46 -11.00
N ASP A 27 4.83 10.31 -10.79
CA ASP A 27 4.99 11.54 -10.02
C ASP A 27 3.70 11.83 -9.27
N GLU A 28 2.99 10.77 -8.89
CA GLU A 28 1.72 10.90 -8.17
C GLU A 28 1.70 9.91 -7.01
N GLY A 29 2.87 9.55 -6.51
CA GLY A 29 2.96 8.61 -5.41
C GLY A 29 3.19 9.36 -4.12
N HIS A 30 3.51 10.66 -4.22
CA HIS A 30 3.74 11.47 -3.03
C HIS A 30 2.42 11.83 -2.35
N PRO A 31 1.36 12.15 -3.08
CA PRO A 31 0.06 12.50 -2.48
C PRO A 31 -0.73 11.25 -2.11
N PHE A 32 -0.54 10.22 -2.94
CA PHE A 32 -1.22 8.94 -2.77
C PHE A 32 -0.98 8.36 -1.38
N ARG A 33 -1.50 9.01 -0.37
CA ARG A 33 -1.36 8.51 0.98
C ARG A 33 -2.20 7.27 1.15
N ALA A 34 -3.33 7.23 0.49
CA ALA A 34 -4.21 6.10 0.61
C ALA A 34 -3.44 4.82 0.30
N TYR A 35 -2.41 4.94 -0.52
CA TYR A 35 -1.59 3.77 -0.89
C TYR A 35 -1.02 3.09 0.38
N LEU A 36 -0.87 3.88 1.44
CA LEU A 36 -0.33 3.35 2.70
C LEU A 36 -1.26 2.29 3.30
N GLU A 37 -2.56 2.52 3.20
CA GLU A 37 -3.53 1.59 3.75
C GLU A 37 -3.30 0.16 3.24
N SER A 38 -3.28 0.04 1.92
CA SER A 38 -3.12 -1.26 1.28
C SER A 38 -1.81 -1.94 1.69
N GLU A 39 -0.77 -1.14 1.91
CA GLU A 39 0.52 -1.68 2.29
C GLU A 39 0.44 -2.38 3.64
N VAL A 40 -0.65 -2.13 4.36
CA VAL A 40 -0.79 -2.73 5.69
C VAL A 40 -1.26 -4.19 5.61
N ALA A 41 -2.36 -4.45 4.89
CA ALA A 41 -2.86 -5.82 4.79
C ALA A 41 -1.97 -6.63 3.85
N ILE A 42 -1.11 -5.92 3.14
CA ILE A 42 -0.17 -6.52 2.20
C ILE A 42 1.19 -6.76 2.84
N SER A 43 1.54 -5.86 3.74
CA SER A 43 2.82 -5.90 4.46
C SER A 43 3.43 -7.31 4.54
N GLU A 44 2.59 -8.34 4.65
CA GLU A 44 3.09 -9.70 4.73
C GLU A 44 3.94 -10.07 3.51
N GLU A 45 3.38 -9.90 2.31
CA GLU A 45 4.10 -10.22 1.06
C GLU A 45 3.73 -9.23 -0.04
N LEU A 46 4.55 -8.18 -0.19
CA LEU A 46 4.29 -7.14 -1.19
C LEU A 46 4.42 -7.63 -2.63
N VAL A 47 5.49 -8.36 -2.93
CA VAL A 47 5.72 -8.81 -4.31
C VAL A 47 4.68 -9.84 -4.75
N GLN A 48 4.27 -10.73 -3.85
CA GLN A 48 3.29 -11.77 -4.21
C GLN A 48 1.95 -11.17 -4.59
N LYS A 49 1.40 -10.33 -3.72
CA LYS A 49 0.10 -9.71 -3.97
C LYS A 49 0.20 -8.78 -5.16
N TYR A 50 1.29 -8.08 -5.23
CA TYR A 50 1.54 -7.14 -6.30
C TYR A 50 1.52 -7.86 -7.65
N SER A 51 2.26 -8.94 -7.75
CA SER A 51 2.32 -9.72 -8.98
C SER A 51 1.00 -10.43 -9.24
N ASN A 52 0.38 -10.94 -8.18
CA ASN A 52 -0.87 -11.68 -8.31
C ASN A 52 -2.09 -10.78 -8.45
N SER A 53 -2.41 -10.02 -7.40
CA SER A 53 -3.58 -9.13 -7.44
C SER A 53 -3.20 -7.73 -7.84
N ALA A 54 -2.57 -7.60 -8.99
CA ALA A 54 -2.15 -6.31 -9.48
C ALA A 54 -3.36 -5.37 -9.50
N LEU A 55 -4.54 -5.97 -9.58
CA LEU A 55 -5.79 -5.20 -9.62
C LEU A 55 -6.32 -4.94 -8.22
N GLY A 56 -6.54 -6.02 -7.46
CA GLY A 56 -7.06 -5.90 -6.09
C GLY A 56 -6.45 -4.71 -5.35
N HIS A 57 -5.28 -4.26 -5.79
CA HIS A 57 -4.61 -3.14 -5.15
C HIS A 57 -5.46 -1.86 -5.25
N VAL A 58 -6.16 -1.69 -6.38
CA VAL A 58 -6.94 -0.48 -6.60
C VAL A 58 -8.19 -0.39 -5.70
N ASN A 59 -9.11 -1.36 -5.77
CA ASN A 59 -10.30 -1.28 -4.94
C ASN A 59 -10.00 -1.51 -3.47
N SER A 60 -9.14 -2.48 -3.19
CA SER A 60 -8.80 -2.78 -1.80
C SER A 60 -8.42 -1.49 -1.11
N THR A 61 -7.78 -0.61 -1.85
CA THR A 61 -7.37 0.66 -1.30
C THR A 61 -8.57 1.51 -0.91
N ILE A 62 -9.56 1.55 -1.78
CA ILE A 62 -10.74 2.37 -1.53
C ILE A 62 -11.68 1.72 -0.50
N LYS A 63 -11.59 0.41 -0.37
CA LYS A 63 -12.46 -0.30 0.57
C LYS A 63 -12.13 0.01 2.05
N GLU A 64 -10.89 -0.27 2.46
CA GLU A 64 -10.46 -0.08 3.87
C GLU A 64 -10.15 1.36 4.28
N LEU A 65 -9.78 2.22 3.35
CA LEU A 65 -9.40 3.60 3.70
C LEU A 65 -10.21 4.18 4.88
N ARG A 66 -11.41 3.66 5.10
CA ARG A 66 -12.25 4.14 6.21
C ARG A 66 -11.66 3.70 7.55
N ARG A 67 -11.67 2.38 7.75
CA ARG A 67 -11.19 1.77 8.98
C ARG A 67 -9.74 2.11 9.29
N LEU A 68 -8.96 2.42 8.26
CA LEU A 68 -7.54 2.69 8.46
C LEU A 68 -7.36 3.87 9.42
N PHE A 69 -8.21 4.86 9.29
CA PHE A 69 -8.12 6.04 10.15
C PHE A 69 -8.50 5.71 11.58
N LEU A 70 -9.51 4.86 11.76
CA LEU A 70 -9.93 4.49 13.11
C LEU A 70 -8.81 3.78 13.85
N VAL A 71 -8.10 2.88 13.15
CA VAL A 71 -6.99 2.14 13.76
C VAL A 71 -5.66 2.88 13.59
N ASP A 72 -5.64 3.89 12.72
CA ASP A 72 -4.43 4.67 12.49
C ASP A 72 -3.21 3.77 12.33
N ASP A 73 -3.10 3.16 11.15
CA ASP A 73 -1.98 2.26 10.85
C ASP A 73 -1.17 2.79 9.66
N LEU A 74 -1.28 4.08 9.40
CA LEU A 74 -0.54 4.70 8.30
C LEU A 74 0.97 4.58 8.52
N VAL A 75 1.40 4.57 9.78
CA VAL A 75 2.83 4.46 10.08
C VAL A 75 3.33 3.07 9.75
N ASP A 76 2.57 2.05 10.13
CA ASP A 76 2.94 0.67 9.88
C ASP A 76 2.91 0.38 8.39
N SER A 77 2.41 1.33 7.61
CA SER A 77 2.34 1.16 6.16
C SER A 77 3.73 1.18 5.55
N LEU A 78 4.75 1.02 6.39
CA LEU A 78 6.13 1.01 5.95
C LEU A 78 6.47 2.33 5.27
N LYS A 79 6.13 3.42 5.93
CA LYS A 79 6.40 4.75 5.39
C LYS A 79 6.01 4.83 3.92
N MET A 13 11.20 -5.96 5.83
CA MET A 13 11.24 -4.48 5.77
C MET A 13 11.28 -4.04 4.30
N ARG A 14 11.88 -4.86 3.46
CA ARG A 14 11.99 -4.56 2.05
C ARG A 14 10.68 -4.01 1.50
N ILE A 15 9.57 -4.35 2.13
CA ILE A 15 8.26 -3.87 1.69
C ILE A 15 8.32 -2.37 1.42
N TYR A 16 8.81 -1.63 2.40
CA TYR A 16 8.93 -0.19 2.27
C TYR A 16 9.82 0.11 1.07
N LYS A 17 10.89 -0.66 0.95
CA LYS A 17 11.79 -0.51 -0.18
C LYS A 17 11.05 -0.88 -1.46
N GLY A 18 10.13 -1.83 -1.36
CA GLY A 18 9.35 -2.26 -2.51
C GLY A 18 8.34 -1.22 -2.92
N VAL A 19 7.86 -0.45 -1.95
CA VAL A 19 6.86 0.56 -2.23
C VAL A 19 7.44 1.63 -3.13
N ILE A 20 8.77 1.68 -3.16
CA ILE A 20 9.46 2.65 -3.99
C ILE A 20 8.97 2.48 -5.41
N GLN A 21 8.49 1.28 -5.71
CA GLN A 21 7.95 1.00 -7.03
C GLN A 21 6.86 2.03 -7.33
N ALA A 22 6.08 2.36 -6.31
CA ALA A 22 5.02 3.35 -6.48
C ALA A 22 5.63 4.73 -6.72
N ILE A 23 6.65 5.05 -5.93
CA ILE A 23 7.32 6.34 -6.04
C ILE A 23 8.04 6.48 -7.39
N GLN A 24 8.74 5.42 -7.78
CA GLN A 24 9.50 5.45 -9.03
C GLN A 24 8.57 5.54 -10.25
N LYS A 25 7.46 4.81 -10.21
CA LYS A 25 6.53 4.84 -11.34
C LYS A 25 6.31 6.26 -11.85
N SER A 26 6.29 7.23 -10.94
CA SER A 26 6.09 8.62 -11.33
C SER A 26 4.83 8.76 -12.16
N ASP A 27 3.76 9.12 -11.48
CA ASP A 27 2.44 9.31 -12.09
C ASP A 27 1.38 9.08 -11.03
N GLU A 28 1.69 8.20 -10.08
CA GLU A 28 0.78 7.89 -8.99
C GLU A 28 1.50 7.98 -7.64
N GLY A 29 2.14 9.14 -7.38
CA GLY A 29 2.85 9.34 -6.13
C GLY A 29 1.98 10.10 -5.14
N HIS A 30 0.92 10.74 -5.66
CA HIS A 30 0.02 11.50 -4.80
C HIS A 30 -0.52 10.62 -3.66
N PRO A 31 -0.85 9.38 -3.92
CA PRO A 31 -1.36 8.46 -2.86
C PRO A 31 -0.22 8.03 -1.93
N PHE A 32 0.81 8.86 -1.90
CA PHE A 32 2.00 8.62 -1.08
C PHE A 32 1.69 7.86 0.20
N ARG A 33 1.17 8.57 1.20
CA ARG A 33 0.85 7.95 2.47
C ARG A 33 -0.34 7.01 2.33
N ALA A 34 -1.27 7.35 1.45
CA ALA A 34 -2.45 6.50 1.27
C ALA A 34 -2.00 5.07 0.95
N TYR A 35 -0.84 4.94 0.32
CA TYR A 35 -0.31 3.62 -0.03
C TYR A 35 -0.10 2.80 1.25
N LEU A 36 0.04 3.48 2.37
CA LEU A 36 0.28 2.82 3.64
C LEU A 36 -0.86 1.87 4.00
N GLU A 37 -2.08 2.27 3.70
CA GLU A 37 -3.23 1.44 4.02
C GLU A 37 -3.14 0.09 3.31
N SER A 38 -2.80 0.12 2.02
CA SER A 38 -2.71 -1.10 1.23
C SER A 38 -1.51 -1.97 1.64
N GLU A 39 -0.52 -1.37 2.29
CA GLU A 39 0.65 -2.11 2.71
C GLU A 39 0.28 -3.13 3.77
N VAL A 40 -0.92 -3.00 4.31
CA VAL A 40 -1.36 -3.92 5.37
C VAL A 40 -1.80 -5.28 4.80
N ALA A 41 -2.70 -5.27 3.82
CA ALA A 41 -3.17 -6.53 3.25
C ALA A 41 -2.10 -7.11 2.34
N ILE A 42 -1.12 -6.28 2.01
CA ILE A 42 -0.02 -6.67 1.14
C ILE A 42 1.18 -7.13 1.95
N SER A 43 1.36 -6.48 3.10
CA SER A 43 2.46 -6.76 4.03
C SER A 43 3.13 -8.13 3.80
N GLU A 44 2.33 -9.17 3.59
CA GLU A 44 2.86 -10.52 3.39
C GLU A 44 3.90 -10.53 2.27
N GLU A 45 3.52 -10.07 1.08
CA GLU A 45 4.46 -10.03 -0.06
C GLU A 45 4.09 -8.87 -1.00
N LEU A 46 4.99 -7.90 -1.11
CA LEU A 46 4.74 -6.73 -1.94
C LEU A 46 4.67 -7.03 -3.43
N VAL A 47 5.70 -7.68 -3.97
CA VAL A 47 5.74 -7.96 -5.41
C VAL A 47 4.74 -9.04 -5.83
N GLN A 48 4.55 -10.06 -5.00
CA GLN A 48 3.65 -11.15 -5.37
C GLN A 48 2.21 -10.68 -5.54
N LYS A 49 1.67 -10.00 -4.52
CA LYS A 49 0.30 -9.52 -4.59
C LYS A 49 0.16 -8.46 -5.65
N TYR A 50 1.14 -7.60 -5.70
CA TYR A 50 1.14 -6.53 -6.67
C TYR A 50 1.02 -7.08 -8.09
N SER A 51 1.90 -8.01 -8.43
CA SER A 51 1.86 -8.62 -9.75
C SER A 51 0.68 -9.59 -9.88
N ASN A 52 0.46 -10.40 -8.85
CA ASN A 52 -0.61 -11.41 -8.89
C ASN A 52 -1.99 -10.87 -8.49
N SER A 53 -2.15 -10.51 -7.22
CA SER A 53 -3.45 -10.03 -6.73
C SER A 53 -3.60 -8.54 -6.94
N ALA A 54 -3.28 -8.08 -8.14
CA ALA A 54 -3.41 -6.68 -8.48
C ALA A 54 -4.87 -6.25 -8.37
N LEU A 55 -5.76 -7.22 -8.54
CA LEU A 55 -7.20 -6.96 -8.48
C LEU A 55 -7.66 -6.81 -7.02
N GLY A 56 -6.74 -7.03 -6.07
CA GLY A 56 -7.08 -6.93 -4.65
C GLY A 56 -6.50 -5.67 -4.00
N HIS A 57 -5.57 -5.01 -4.69
CA HIS A 57 -4.95 -3.79 -4.15
C HIS A 57 -5.62 -2.53 -4.68
N VAL A 58 -6.44 -2.70 -5.72
CA VAL A 58 -7.09 -1.55 -6.33
C VAL A 58 -8.27 -1.03 -5.50
N ASN A 59 -9.33 -1.82 -5.33
CA ASN A 59 -10.45 -1.33 -4.55
C ASN A 59 -10.12 -1.26 -3.07
N SER A 60 -9.35 -2.24 -2.60
CA SER A 60 -8.99 -2.27 -1.20
C SER A 60 -8.44 -0.91 -0.80
N THR A 61 -7.69 -0.31 -1.71
CA THR A 61 -7.14 0.99 -1.46
C THR A 61 -8.24 2.02 -1.23
N ILE A 62 -9.20 2.07 -2.14
CA ILE A 62 -10.27 3.04 -2.02
C ILE A 62 -11.16 2.74 -0.81
N LYS A 63 -11.51 1.48 -0.64
CA LYS A 63 -12.38 1.07 0.45
C LYS A 63 -11.72 1.23 1.84
N GLU A 64 -10.47 0.78 1.94
CA GLU A 64 -9.73 0.80 3.21
C GLU A 64 -9.29 2.19 3.67
N LEU A 65 -8.94 3.09 2.76
CA LEU A 65 -8.47 4.42 3.19
C LEU A 65 -9.27 4.97 4.38
N ARG A 66 -10.58 4.81 4.34
CA ARG A 66 -11.41 5.29 5.43
C ARG A 66 -11.03 4.53 6.71
N ARG A 67 -10.70 3.26 6.52
CA ARG A 67 -10.32 2.37 7.60
C ARG A 67 -9.00 2.77 8.27
N LEU A 68 -8.04 3.22 7.47
CA LEU A 68 -6.73 3.59 8.02
C LEU A 68 -6.85 4.69 9.05
N PHE A 69 -7.66 5.69 8.75
CA PHE A 69 -7.83 6.81 9.67
C PHE A 69 -8.54 6.37 10.95
N LEU A 70 -9.55 5.52 10.82
CA LEU A 70 -10.29 5.05 11.99
C LEU A 70 -9.38 4.24 12.92
N VAL A 71 -8.55 3.37 12.33
CA VAL A 71 -7.64 2.54 13.12
C VAL A 71 -6.27 3.20 13.28
N ASP A 72 -6.00 4.21 12.46
CA ASP A 72 -4.71 4.92 12.53
C ASP A 72 -3.55 3.95 12.74
N ASP A 73 -3.36 3.05 11.77
CA ASP A 73 -2.27 2.06 11.83
C ASP A 73 -1.19 2.38 10.81
N LEU A 74 -1.12 3.65 10.38
CA LEU A 74 -0.13 4.06 9.39
C LEU A 74 1.30 3.78 9.90
N VAL A 75 1.46 3.72 11.22
CA VAL A 75 2.77 3.45 11.79
C VAL A 75 3.19 2.02 11.51
N ASP A 76 2.26 1.08 11.66
CA ASP A 76 2.55 -0.33 11.41
C ASP A 76 2.61 -0.60 9.93
N SER A 77 2.16 0.36 9.13
CA SER A 77 2.18 0.21 7.69
C SER A 77 3.60 0.37 7.17
N LEU A 78 4.56 0.20 8.06
CA LEU A 78 5.97 0.32 7.71
C LEU A 78 6.28 1.74 7.25
N LYS A 79 6.26 2.66 8.20
CA LYS A 79 6.55 4.05 7.90
C LYS A 79 5.69 4.54 6.74
N MET A 13 12.36 -8.05 4.28
CA MET A 13 12.49 -6.57 4.38
C MET A 13 12.22 -5.93 3.02
N ARG A 14 12.58 -6.66 1.96
CA ARG A 14 12.39 -6.18 0.61
C ARG A 14 11.05 -5.48 0.46
N ILE A 15 10.10 -5.84 1.30
CA ILE A 15 8.76 -5.25 1.25
C ILE A 15 8.88 -3.73 1.15
N TYR A 16 9.66 -3.15 2.05
CA TYR A 16 9.90 -1.71 2.06
C TYR A 16 10.52 -1.31 0.73
N LYS A 17 11.47 -2.11 0.28
CA LYS A 17 12.13 -1.84 -0.99
C LYS A 17 11.12 -1.96 -2.12
N GLY A 18 10.15 -2.86 -1.94
CA GLY A 18 9.11 -3.05 -2.94
C GLY A 18 8.14 -1.86 -2.96
N VAL A 19 7.96 -1.25 -1.80
CA VAL A 19 7.04 -0.13 -1.67
C VAL A 19 7.51 1.03 -2.55
N ILE A 20 8.78 0.98 -2.93
CA ILE A 20 9.36 2.02 -3.78
C ILE A 20 8.50 2.16 -5.01
N GLN A 21 7.90 1.06 -5.43
CA GLN A 21 7.04 1.09 -6.61
C GLN A 21 6.06 2.25 -6.47
N ALA A 22 5.62 2.49 -5.24
CA ALA A 22 4.71 3.60 -4.98
C ALA A 22 5.41 4.91 -5.31
N ILE A 23 6.74 4.93 -5.12
CA ILE A 23 7.55 6.11 -5.38
C ILE A 23 8.05 6.17 -6.83
N GLN A 24 8.50 5.03 -7.34
CA GLN A 24 9.01 4.96 -8.71
C GLN A 24 7.91 5.17 -9.76
N LYS A 25 6.71 4.68 -9.48
CA LYS A 25 5.61 4.80 -10.44
C LYS A 25 5.60 6.18 -11.10
N SER A 26 5.29 7.21 -10.32
CA SER A 26 5.25 8.56 -10.84
C SER A 26 3.90 8.80 -11.49
N ASP A 27 3.17 9.73 -10.93
CA ASP A 27 1.82 10.10 -11.40
C ASP A 27 0.78 9.36 -10.55
N GLU A 28 1.26 8.80 -9.43
CA GLU A 28 0.38 8.06 -8.52
C GLU A 28 -0.68 8.96 -7.90
N GLY A 29 -0.47 10.27 -8.01
CA GLY A 29 -1.42 11.23 -7.46
C GLY A 29 -1.00 11.62 -6.07
N HIS A 30 0.29 11.45 -5.79
CA HIS A 30 0.83 11.74 -4.47
C HIS A 30 -0.12 11.22 -3.38
N PRO A 31 -0.53 9.94 -3.44
CA PRO A 31 -1.43 9.37 -2.40
C PRO A 31 -0.66 9.19 -1.09
N PHE A 32 0.66 9.19 -1.23
CA PHE A 32 1.57 9.04 -0.10
C PHE A 32 0.98 8.13 1.00
N ARG A 33 0.24 8.73 1.94
CA ARG A 33 -0.35 7.97 3.02
C ARG A 33 -1.45 7.04 2.52
N ALA A 34 -2.22 7.49 1.54
CA ALA A 34 -3.28 6.64 1.03
C ALA A 34 -2.70 5.29 0.61
N TYR A 35 -1.43 5.28 0.19
CA TYR A 35 -0.77 4.03 -0.21
C TYR A 35 -0.54 3.11 1.01
N LEU A 36 -0.35 3.71 2.19
CA LEU A 36 -0.09 2.96 3.42
C LEU A 36 -1.25 2.01 3.76
N GLU A 37 -2.46 2.45 3.50
CA GLU A 37 -3.62 1.64 3.79
C GLU A 37 -3.48 0.25 3.18
N SER A 38 -3.18 0.20 1.88
CA SER A 38 -3.05 -1.08 1.18
C SER A 38 -1.82 -1.85 1.68
N GLU A 39 -0.80 -1.13 2.11
CA GLU A 39 0.42 -1.77 2.59
C GLU A 39 0.17 -2.53 3.88
N VAL A 40 -0.99 -2.30 4.47
CA VAL A 40 -1.31 -2.95 5.74
C VAL A 40 -1.75 -4.42 5.55
N ALA A 41 -2.72 -4.65 4.68
CA ALA A 41 -3.20 -6.03 4.45
C ALA A 41 -2.20 -6.77 3.57
N ILE A 42 -1.28 -6.01 3.00
CA ILE A 42 -0.24 -6.54 2.12
C ILE A 42 1.05 -6.80 2.90
N SER A 43 1.27 -5.97 3.90
CA SER A 43 2.48 -6.03 4.74
C SER A 43 3.16 -7.40 4.75
N GLU A 44 2.37 -8.47 4.66
CA GLU A 44 2.93 -9.83 4.67
C GLU A 44 3.99 -10.02 3.57
N GLU A 45 3.67 -9.60 2.34
CA GLU A 45 4.60 -9.74 1.22
C GLU A 45 4.13 -8.91 0.03
N LEU A 46 4.65 -7.70 -0.11
CA LEU A 46 4.25 -6.81 -1.20
C LEU A 46 4.68 -7.31 -2.58
N VAL A 47 5.92 -7.79 -2.70
CA VAL A 47 6.40 -8.23 -4.00
C VAL A 47 5.54 -9.34 -4.57
N GLN A 48 5.12 -10.26 -3.73
CA GLN A 48 4.30 -11.36 -4.21
C GLN A 48 2.90 -10.88 -4.62
N LYS A 49 2.30 -10.04 -3.79
CA LYS A 49 0.96 -9.52 -4.08
C LYS A 49 0.96 -8.63 -5.31
N TYR A 50 2.04 -7.91 -5.49
CA TYR A 50 2.18 -6.97 -6.59
C TYR A 50 1.98 -7.68 -7.93
N SER A 51 2.62 -8.84 -8.09
CA SER A 51 2.49 -9.60 -9.33
C SER A 51 1.11 -10.25 -9.45
N ASN A 52 0.61 -10.82 -8.35
CA ASN A 52 -0.68 -11.51 -8.35
C ASN A 52 -1.89 -10.60 -8.17
N SER A 53 -2.00 -9.99 -6.99
CA SER A 53 -3.15 -9.11 -6.71
C SER A 53 -2.97 -7.74 -7.36
N ALA A 54 -2.60 -7.74 -8.62
CA ALA A 54 -2.41 -6.49 -9.35
C ALA A 54 -3.74 -5.74 -9.43
N LEU A 55 -4.85 -6.50 -9.38
CA LEU A 55 -6.18 -5.90 -9.46
C LEU A 55 -6.71 -5.49 -8.09
N GLY A 56 -6.78 -6.44 -7.16
CA GLY A 56 -7.27 -6.16 -5.80
C GLY A 56 -6.87 -4.77 -5.31
N HIS A 57 -5.75 -4.26 -5.82
CA HIS A 57 -5.27 -2.94 -5.42
C HIS A 57 -6.34 -1.86 -5.66
N VAL A 58 -7.02 -1.94 -6.81
CA VAL A 58 -8.00 -0.92 -7.17
C VAL A 58 -9.06 -0.68 -6.09
N ASN A 59 -9.90 -1.67 -5.78
CA ASN A 59 -10.94 -1.46 -4.78
C ASN A 59 -10.36 -1.41 -3.38
N SER A 60 -9.39 -2.28 -3.12
CA SER A 60 -8.78 -2.31 -1.79
C SER A 60 -8.39 -0.90 -1.39
N THR A 61 -8.19 -0.05 -2.40
CA THR A 61 -7.84 1.33 -2.14
C THR A 61 -9.06 2.17 -1.78
N ILE A 62 -10.09 2.10 -2.60
CA ILE A 62 -11.27 2.91 -2.35
C ILE A 62 -11.97 2.51 -1.05
N LYS A 63 -12.13 1.21 -0.86
CA LYS A 63 -12.82 0.72 0.34
C LYS A 63 -12.04 0.95 1.63
N GLU A 64 -10.76 0.57 1.62
CA GLU A 64 -9.91 0.67 2.82
C GLU A 64 -9.50 2.09 3.20
N LEU A 65 -9.20 2.95 2.24
CA LEU A 65 -8.74 4.30 2.57
C LEU A 65 -9.46 4.89 3.79
N ARG A 66 -10.76 4.65 3.89
CA ARG A 66 -11.51 5.16 5.03
C ARG A 66 -11.06 4.45 6.31
N ARG A 67 -10.72 3.18 6.16
CA ARG A 67 -10.29 2.34 7.26
C ARG A 67 -8.99 2.82 7.94
N LEU A 68 -8.05 3.36 7.16
CA LEU A 68 -6.77 3.79 7.75
C LEU A 68 -6.98 4.85 8.81
N PHE A 69 -7.87 5.78 8.54
CA PHE A 69 -8.14 6.86 9.49
C PHE A 69 -8.80 6.35 10.77
N LEU A 70 -9.76 5.43 10.63
CA LEU A 70 -10.45 4.88 11.79
C LEU A 70 -9.50 4.06 12.67
N VAL A 71 -8.63 3.27 12.04
CA VAL A 71 -7.69 2.42 12.76
C VAL A 71 -6.35 3.11 12.98
N ASP A 72 -5.82 3.72 11.92
CA ASP A 72 -4.53 4.42 12.02
C ASP A 72 -3.39 3.41 12.09
N ASP A 73 -3.05 2.80 10.94
CA ASP A 73 -1.98 1.81 10.88
C ASP A 73 -0.81 2.35 10.06
N LEU A 74 -0.71 3.67 9.97
CA LEU A 74 0.36 4.31 9.21
C LEU A 74 1.72 3.84 9.74
N VAL A 75 1.78 3.49 11.02
CA VAL A 75 3.03 3.04 11.60
C VAL A 75 3.52 1.79 10.88
N ASP A 76 2.58 1.04 10.31
CA ASP A 76 2.91 -0.17 9.60
C ASP A 76 3.67 0.18 8.31
N SER A 77 3.85 1.48 8.05
CA SER A 77 4.56 1.92 6.85
C SER A 77 6.00 1.39 6.85
N LEU A 78 6.30 0.54 7.82
CA LEU A 78 7.62 -0.05 7.94
C LEU A 78 8.67 1.03 8.14
N LYS A 79 8.28 2.07 8.87
CA LYS A 79 9.18 3.19 9.14
C LYS A 79 8.54 4.17 10.13
N MET A 13 11.70 -8.43 4.60
CA MET A 13 12.34 -7.09 4.67
C MET A 13 12.21 -6.39 3.32
N ARG A 14 12.61 -7.09 2.26
CA ARG A 14 12.54 -6.55 0.92
C ARG A 14 11.23 -5.79 0.69
N ILE A 15 10.20 -6.17 1.42
CA ILE A 15 8.89 -5.53 1.29
C ILE A 15 9.06 -4.01 1.24
N TYR A 16 9.83 -3.49 2.19
CA TYR A 16 10.10 -2.06 2.25
C TYR A 16 10.80 -1.64 0.96
N LYS A 17 11.70 -2.50 0.49
CA LYS A 17 12.41 -2.24 -0.75
C LYS A 17 11.42 -2.26 -1.91
N GLY A 18 10.43 -3.13 -1.82
CA GLY A 18 9.41 -3.24 -2.86
C GLY A 18 8.49 -2.02 -2.87
N VAL A 19 8.29 -1.43 -1.70
CA VAL A 19 7.41 -0.29 -1.57
C VAL A 19 7.95 0.87 -2.39
N ILE A 20 9.24 0.81 -2.67
CA ILE A 20 9.90 1.84 -3.45
C ILE A 20 9.15 1.95 -4.77
N GLN A 21 8.50 0.87 -5.16
CA GLN A 21 7.74 0.88 -6.40
C GLN A 21 6.78 2.07 -6.36
N ALA A 22 6.25 2.34 -5.18
CA ALA A 22 5.34 3.46 -5.01
C ALA A 22 6.09 4.79 -5.16
N ILE A 23 7.25 4.87 -4.50
CA ILE A 23 8.07 6.07 -4.53
C ILE A 23 8.64 6.32 -5.92
N GLN A 24 9.16 5.26 -6.55
CA GLN A 24 9.75 5.37 -7.88
C GLN A 24 8.71 5.71 -8.94
N LYS A 25 7.49 5.20 -8.76
CA LYS A 25 6.43 5.45 -9.74
C LYS A 25 6.44 6.90 -10.21
N SER A 26 6.43 7.85 -9.27
CA SER A 26 6.45 9.28 -9.61
C SER A 26 5.92 10.10 -8.44
N ASP A 27 4.62 10.07 -8.28
CA ASP A 27 3.93 10.79 -7.21
C ASP A 27 2.62 10.10 -6.90
N GLU A 28 2.63 8.76 -6.98
CA GLU A 28 1.45 7.97 -6.71
C GLU A 28 0.29 8.37 -7.63
N GLY A 29 0.56 9.30 -8.54
CA GLY A 29 -0.47 9.77 -9.49
C GLY A 29 -1.09 11.08 -8.99
N HIS A 30 -0.97 11.33 -7.69
CA HIS A 30 -1.51 12.53 -7.07
C HIS A 30 -1.60 12.36 -5.54
N PRO A 31 -1.89 11.18 -5.02
CA PRO A 31 -1.95 10.94 -3.54
C PRO A 31 -0.57 10.79 -2.93
N PHE A 32 -0.50 10.23 -1.73
CA PHE A 32 0.76 10.04 -1.05
C PHE A 32 0.61 9.03 0.09
N ARG A 33 0.01 9.47 1.18
CA ARG A 33 -0.19 8.59 2.33
C ARG A 33 -1.20 7.50 2.01
N ALA A 34 -2.18 7.82 1.18
CA ALA A 34 -3.20 6.82 0.85
C ALA A 34 -2.53 5.54 0.34
N TYR A 35 -1.35 5.66 -0.25
CA TYR A 35 -0.63 4.50 -0.76
C TYR A 35 -0.28 3.52 0.37
N LEU A 36 0.00 4.07 1.56
CA LEU A 36 0.36 3.26 2.72
C LEU A 36 -0.76 2.31 3.13
N GLU A 37 -1.99 2.77 3.02
CA GLU A 37 -3.12 1.95 3.42
C GLU A 37 -3.08 0.57 2.75
N SER A 38 -2.99 0.56 1.43
CA SER A 38 -2.97 -0.70 0.68
C SER A 38 -1.73 -1.52 1.02
N GLU A 39 -0.71 -0.88 1.57
CA GLU A 39 0.51 -1.59 1.92
C GLU A 39 0.34 -2.31 3.24
N VAL A 40 -0.75 -2.02 3.95
CA VAL A 40 -1.00 -2.64 5.26
C VAL A 40 -1.54 -4.06 5.12
N ALA A 41 -2.61 -4.25 4.35
CA ALA A 41 -3.17 -5.60 4.20
C ALA A 41 -2.29 -6.43 3.28
N ILE A 42 -1.37 -5.75 2.62
CA ILE A 42 -0.43 -6.36 1.69
C ILE A 42 0.89 -6.67 2.37
N SER A 43 1.22 -5.84 3.35
CA SER A 43 2.46 -5.94 4.12
C SER A 43 3.08 -7.36 4.10
N GLU A 44 2.23 -8.38 4.06
CA GLU A 44 2.74 -9.76 4.04
C GLU A 44 3.75 -9.97 2.91
N GLU A 45 3.51 -9.35 1.75
CA GLU A 45 4.42 -9.49 0.61
C GLU A 45 3.84 -8.74 -0.61
N LEU A 46 4.19 -7.47 -0.75
CA LEU A 46 3.70 -6.66 -1.86
C LEU A 46 4.25 -7.08 -3.20
N VAL A 47 5.51 -7.45 -3.25
CA VAL A 47 6.12 -7.80 -4.54
C VAL A 47 5.35 -8.91 -5.22
N GLN A 48 5.01 -9.95 -4.49
CA GLN A 48 4.29 -11.05 -5.08
C GLN A 48 2.84 -10.66 -5.40
N LYS A 49 2.17 -10.01 -4.44
CA LYS A 49 0.76 -9.62 -4.63
C LYS A 49 0.63 -8.55 -5.70
N TYR A 50 1.51 -7.57 -5.64
CA TYR A 50 1.48 -6.49 -6.58
C TYR A 50 1.44 -7.01 -8.01
N SER A 51 2.37 -7.89 -8.33
CA SER A 51 2.42 -8.47 -9.67
C SER A 51 1.29 -9.48 -9.87
N ASN A 52 1.08 -10.36 -8.88
CA ASN A 52 0.07 -11.41 -8.97
C ASN A 52 -1.33 -10.96 -8.56
N SER A 53 -1.52 -10.66 -7.28
CA SER A 53 -2.84 -10.25 -6.77
C SER A 53 -3.08 -8.76 -6.97
N ALA A 54 -2.88 -8.29 -8.18
CA ALA A 54 -3.09 -6.90 -8.49
C ALA A 54 -4.59 -6.57 -8.41
N LEU A 55 -5.40 -7.59 -8.65
CA LEU A 55 -6.85 -7.43 -8.63
C LEU A 55 -7.38 -7.39 -7.19
N GLY A 56 -6.48 -7.60 -6.22
CA GLY A 56 -6.87 -7.58 -4.81
C GLY A 56 -6.53 -6.26 -4.12
N HIS A 57 -5.72 -5.44 -4.79
CA HIS A 57 -5.31 -4.14 -4.23
C HIS A 57 -6.20 -3.01 -4.77
N VAL A 58 -7.19 -3.36 -5.59
CA VAL A 58 -8.06 -2.35 -6.18
C VAL A 58 -9.12 -1.85 -5.22
N ASN A 59 -10.08 -2.69 -4.86
CA ASN A 59 -11.12 -2.25 -3.95
C ASN A 59 -10.57 -2.07 -2.55
N SER A 60 -9.65 -2.94 -2.18
CA SER A 60 -9.08 -2.86 -0.85
C SER A 60 -8.65 -1.43 -0.59
N THR A 61 -8.16 -0.80 -1.62
CA THR A 61 -7.72 0.58 -1.50
C THR A 61 -8.89 1.50 -1.17
N ILE A 62 -9.96 1.42 -1.95
CA ILE A 62 -11.08 2.30 -1.76
C ILE A 62 -11.79 2.05 -0.43
N LYS A 63 -12.01 0.77 -0.12
CA LYS A 63 -12.69 0.39 1.11
C LYS A 63 -11.87 0.74 2.36
N GLU A 64 -10.58 0.45 2.32
CA GLU A 64 -9.70 0.66 3.48
C GLU A 64 -9.37 2.13 3.80
N LEU A 65 -9.17 2.97 2.79
CA LEU A 65 -8.80 4.36 3.05
C LEU A 65 -9.55 4.95 4.25
N ARG A 66 -10.87 4.85 4.25
CA ARG A 66 -11.64 5.39 5.36
C ARG A 66 -11.33 4.63 6.64
N ARG A 67 -11.10 3.33 6.50
CA ARG A 67 -10.81 2.45 7.62
C ARG A 67 -9.48 2.76 8.31
N LEU A 68 -8.45 3.02 7.51
CA LEU A 68 -7.12 3.29 8.07
C LEU A 68 -7.10 4.55 8.93
N PHE A 69 -7.81 5.57 8.50
CA PHE A 69 -7.84 6.82 9.25
C PHE A 69 -8.41 6.61 10.65
N LEU A 70 -9.45 5.80 10.77
CA LEU A 70 -10.05 5.54 12.08
C LEU A 70 -9.07 4.81 13.00
N VAL A 71 -8.37 3.81 12.47
CA VAL A 71 -7.40 3.03 13.27
C VAL A 71 -5.99 3.60 13.18
N ASP A 72 -5.77 4.50 12.21
CA ASP A 72 -4.45 5.11 12.03
C ASP A 72 -3.33 4.09 12.17
N ASP A 73 -3.12 3.29 11.12
CA ASP A 73 -2.07 2.26 11.12
C ASP A 73 -1.06 2.53 10.01
N LEU A 74 -0.99 3.79 9.56
CA LEU A 74 -0.06 4.17 8.50
C LEU A 74 1.38 3.88 8.91
N VAL A 75 1.64 3.87 10.21
CA VAL A 75 2.99 3.62 10.70
C VAL A 75 3.41 2.18 10.37
N ASP A 76 2.49 1.25 10.60
CA ASP A 76 2.77 -0.15 10.33
C ASP A 76 2.85 -0.41 8.83
N SER A 77 2.47 0.58 8.05
CA SER A 77 2.51 0.46 6.60
C SER A 77 3.95 0.50 6.11
N LEU A 78 4.88 0.28 7.03
CA LEU A 78 6.30 0.28 6.71
C LEU A 78 6.70 1.62 6.14
N LYS A 79 6.42 2.69 6.89
CA LYS A 79 6.74 4.04 6.46
C LYS A 79 6.15 4.33 5.08
N MET A 13 11.39 -5.33 7.53
CA MET A 13 11.69 -3.94 7.10
C MET A 13 11.73 -3.87 5.58
N ARG A 14 12.16 -4.95 4.95
CA ARG A 14 12.24 -5.02 3.51
C ARG A 14 11.00 -4.40 2.85
N ILE A 15 9.89 -4.40 3.57
CA ILE A 15 8.65 -3.84 3.06
C ILE A 15 8.93 -2.45 2.45
N TYR A 16 9.71 -1.65 3.15
CA TYR A 16 10.07 -0.33 2.68
C TYR A 16 10.80 -0.46 1.35
N LYS A 17 11.74 -1.40 1.30
CA LYS A 17 12.47 -1.65 0.08
C LYS A 17 11.51 -2.14 -1.00
N GLY A 18 10.50 -2.89 -0.58
CA GLY A 18 9.50 -3.41 -1.51
C GLY A 18 8.58 -2.29 -1.99
N VAL A 19 8.36 -1.31 -1.12
CA VAL A 19 7.48 -0.21 -1.46
C VAL A 19 8.04 0.54 -2.66
N ILE A 20 9.30 0.29 -2.96
CA ILE A 20 9.95 0.92 -4.10
C ILE A 20 9.09 0.69 -5.33
N GLN A 21 8.30 -0.35 -5.29
CA GLN A 21 7.43 -0.68 -6.41
C GLN A 21 6.50 0.51 -6.65
N ALA A 22 6.25 1.25 -5.58
CA ALA A 22 5.38 2.44 -5.66
C ALA A 22 6.20 3.64 -6.15
N ILE A 23 7.52 3.57 -5.97
CA ILE A 23 8.41 4.66 -6.40
C ILE A 23 7.94 5.23 -7.73
N GLN A 24 8.40 6.43 -8.05
CA GLN A 24 8.05 7.10 -9.30
C GLN A 24 6.64 7.67 -9.20
N LYS A 25 5.86 7.20 -8.21
CA LYS A 25 4.50 7.69 -8.04
C LYS A 25 4.50 9.17 -7.64
N SER A 26 5.35 9.97 -8.27
CA SER A 26 5.42 11.39 -7.96
C SER A 26 4.03 11.99 -7.85
N ASP A 27 3.06 11.27 -8.37
CA ASP A 27 1.68 11.70 -8.31
C ASP A 27 0.77 10.47 -8.23
N GLU A 28 0.71 9.71 -9.31
CA GLU A 28 -0.11 8.51 -9.37
C GLU A 28 -1.48 8.74 -8.75
N GLY A 29 -2.02 9.95 -8.90
CA GLY A 29 -3.32 10.27 -8.34
C GLY A 29 -3.17 10.83 -6.92
N HIS A 30 -1.94 11.20 -6.59
CA HIS A 30 -1.61 11.70 -5.26
C HIS A 30 -2.21 10.79 -4.17
N PRO A 31 -1.98 9.49 -4.22
CA PRO A 31 -2.51 8.57 -3.17
C PRO A 31 -1.55 8.51 -2.00
N PHE A 32 -0.27 8.54 -2.32
CA PHE A 32 0.79 8.49 -1.31
C PHE A 32 0.41 7.56 -0.16
N ARG A 33 -0.20 8.11 0.88
CA ARG A 33 -0.60 7.31 2.04
C ARG A 33 -1.73 6.35 1.70
N ALA A 34 -2.64 6.78 0.83
CA ALA A 34 -3.76 5.92 0.49
C ALA A 34 -3.25 4.54 0.02
N TYR A 35 -2.06 4.52 -0.60
CA TYR A 35 -1.46 3.25 -1.05
C TYR A 35 -1.03 2.39 0.16
N LEU A 36 -0.54 3.05 1.21
CA LEU A 36 -0.07 2.35 2.42
C LEU A 36 -1.21 1.55 3.05
N GLU A 37 -2.43 2.03 2.91
CA GLU A 37 -3.55 1.33 3.49
C GLU A 37 -3.59 -0.12 3.01
N SER A 38 -3.42 -0.29 1.69
CA SER A 38 -3.44 -1.63 1.09
C SER A 38 -2.17 -2.42 1.38
N GLU A 39 -1.10 -1.72 1.77
CA GLU A 39 0.17 -2.38 2.04
C GLU A 39 0.04 -3.35 3.21
N VAL A 40 -1.02 -3.17 3.98
CA VAL A 40 -1.23 -4.02 5.15
C VAL A 40 -1.53 -5.48 4.77
N ALA A 41 -2.47 -5.69 3.85
CA ALA A 41 -2.83 -7.05 3.45
C ALA A 41 -1.76 -7.62 2.52
N ILE A 42 -0.85 -6.74 2.11
CA ILE A 42 0.25 -7.11 1.23
C ILE A 42 1.51 -7.44 2.03
N SER A 43 1.68 -6.68 3.11
CA SER A 43 2.82 -6.80 4.02
C SER A 43 3.55 -8.15 3.91
N GLU A 44 2.79 -9.23 3.69
CA GLU A 44 3.40 -10.57 3.56
C GLU A 44 4.39 -10.63 2.40
N GLU A 45 3.92 -10.36 1.18
CA GLU A 45 4.79 -10.39 -0.01
C GLU A 45 4.42 -9.25 -0.95
N LEU A 46 5.26 -8.22 -0.98
CA LEU A 46 5.00 -7.05 -1.80
C LEU A 46 5.09 -7.34 -3.30
N VAL A 47 6.21 -7.89 -3.76
CA VAL A 47 6.36 -8.13 -5.20
C VAL A 47 5.46 -9.28 -5.69
N GLN A 48 5.31 -10.33 -4.89
CA GLN A 48 4.48 -11.47 -5.31
C GLN A 48 3.00 -11.08 -5.42
N LYS A 49 2.47 -10.48 -4.35
CA LYS A 49 1.07 -10.08 -4.34
C LYS A 49 0.81 -8.99 -5.34
N TYR A 50 1.76 -8.11 -5.46
CA TYR A 50 1.69 -7.00 -6.40
C TYR A 50 1.51 -7.51 -7.83
N SER A 51 2.35 -8.46 -8.22
CA SER A 51 2.29 -9.03 -9.56
C SER A 51 1.04 -9.90 -9.73
N ASN A 52 0.65 -10.59 -8.66
CA ASN A 52 -0.50 -11.49 -8.71
C ASN A 52 -1.85 -10.80 -8.51
N SER A 53 -2.08 -10.25 -7.33
CA SER A 53 -3.36 -9.60 -7.03
C SER A 53 -3.38 -8.16 -7.52
N ALA A 54 -2.88 -7.96 -8.72
CA ALA A 54 -2.87 -6.64 -9.31
C ALA A 54 -4.30 -6.12 -9.36
N LEU A 55 -5.24 -7.06 -9.37
CA LEU A 55 -6.67 -6.73 -9.46
C LEU A 55 -7.31 -6.57 -8.07
N GLY A 56 -6.66 -7.11 -7.05
CA GLY A 56 -7.19 -7.05 -5.69
C GLY A 56 -6.73 -5.80 -4.94
N HIS A 57 -5.84 -5.03 -5.56
CA HIS A 57 -5.33 -3.81 -4.91
C HIS A 57 -6.05 -2.57 -5.41
N VAL A 58 -6.95 -2.73 -6.39
CA VAL A 58 -7.63 -1.56 -6.95
C VAL A 58 -8.73 -1.02 -6.03
N ASN A 59 -9.80 -1.78 -5.81
CA ASN A 59 -10.88 -1.30 -4.95
C ASN A 59 -10.49 -1.32 -3.48
N SER A 60 -9.80 -2.39 -3.07
CA SER A 60 -9.41 -2.51 -1.68
C SER A 60 -8.75 -1.22 -1.22
N THR A 61 -8.00 -0.61 -2.12
CA THR A 61 -7.33 0.64 -1.82
C THR A 61 -8.34 1.73 -1.49
N ILE A 62 -9.40 1.81 -2.29
CA ILE A 62 -10.42 2.83 -2.11
C ILE A 62 -11.37 2.52 -0.97
N LYS A 63 -11.55 1.24 -0.66
CA LYS A 63 -12.47 0.84 0.40
C LYS A 63 -11.98 1.24 1.81
N GLU A 64 -10.81 0.73 2.19
CA GLU A 64 -10.24 0.97 3.53
C GLU A 64 -9.58 2.36 3.72
N LEU A 65 -9.13 3.01 2.65
CA LEU A 65 -8.44 4.31 2.80
C LEU A 65 -8.99 5.16 3.96
N ARG A 66 -10.25 4.98 4.32
CA ARG A 66 -10.85 5.75 5.41
C ARG A 66 -10.28 5.27 6.75
N ARG A 67 -10.10 3.96 6.87
CA ARG A 67 -9.59 3.32 8.08
C ARG A 67 -8.15 3.74 8.39
N LEU A 68 -7.32 3.92 7.37
CA LEU A 68 -5.94 4.28 7.61
C LEU A 68 -5.82 5.59 8.38
N PHE A 69 -6.64 6.56 8.01
CA PHE A 69 -6.61 7.85 8.66
C PHE A 69 -7.11 7.76 10.10
N LEU A 70 -8.16 6.97 10.32
CA LEU A 70 -8.70 6.82 11.66
C LEU A 70 -7.68 6.18 12.60
N VAL A 71 -6.98 5.15 12.11
CA VAL A 71 -5.99 4.45 12.92
C VAL A 71 -4.58 5.04 12.70
N ASP A 72 -4.42 5.79 11.61
CA ASP A 72 -3.13 6.41 11.32
C ASP A 72 -1.98 5.41 11.50
N ASP A 73 -2.07 4.26 10.83
CA ASP A 73 -1.03 3.22 10.92
C ASP A 73 -0.16 3.24 9.66
N LEU A 74 -0.16 4.36 8.97
CA LEU A 74 0.63 4.50 7.75
C LEU A 74 2.13 4.37 8.04
N VAL A 75 2.55 4.83 9.22
CA VAL A 75 3.95 4.74 9.60
C VAL A 75 4.34 3.30 9.90
N ASP A 76 3.48 2.59 10.62
CA ASP A 76 3.74 1.21 10.99
C ASP A 76 3.33 0.24 9.87
N SER A 77 2.76 0.78 8.80
CA SER A 77 2.33 -0.05 7.68
C SER A 77 3.46 -0.97 7.23
N LEU A 78 4.68 -0.47 7.33
CA LEU A 78 5.87 -1.24 6.93
C LEU A 78 6.78 -1.47 8.13
N LYS A 79 6.19 -1.44 9.32
CA LYS A 79 6.94 -1.64 10.56
C LYS A 79 6.02 -2.20 11.63
#